data_7UUK
#
_entry.id   7UUK
#
_cell.length_a   62.146
_cell.length_b   107.405
_cell.length_c   134.976
_cell.angle_alpha   90.000
_cell.angle_beta   90.000
_cell.angle_gamma   90.000
#
_symmetry.space_group_name_H-M   'P 21 21 21'
#
loop_
_entity.id
_entity.type
_entity.pdbx_description
1 polymer 'Aminocyclitol acetyltransferase ApmA'
2 non-polymer TOBRAMYCIN
3 non-polymer 'CHLORIDE ION'
4 water water
#
_entity_poly.entity_id   1
_entity_poly.type   'polypeptide(L)'
_entity_poly.pdbx_seq_one_letter_code
;QGMKTRLEQVLERYLNGREVAVWGVPTRRLLRALKPFKFHTADRVDPQYHYVVAVTDDDLTDFLSDEQSKSFQYANDYLT
FDDEGGELPFERMCFNVPVGRQTYFGDGVVGACENGYIKSIGQFTSINGTAEIHANHQLNMTFVSDDIQNFFNEESMAVF
QEKLRKDPKHPYAYSKEPMTIGSDVYIGAHAFINASTVTSIGDGAIIGSGAVVLENVPPFAVVVGVPARIKRYRFSKEMI
ETLLRVKWWDWSIEEINENVDALISPELFMKKYGSL
;
_entity_poly.pdbx_strand_id   A,B,C
#
# COMPACT_ATOMS: atom_id res chain seq x y z
N LYS A 4 -13.03 -10.69 -19.31
CA LYS A 4 -12.36 -9.90 -20.33
C LYS A 4 -11.47 -8.82 -19.71
N THR A 5 -10.16 -8.97 -19.86
CA THR A 5 -9.21 -8.04 -19.26
C THR A 5 -9.31 -6.66 -19.92
N ARG A 6 -8.73 -5.66 -19.26
CA ARG A 6 -8.82 -4.29 -19.75
C ARG A 6 -8.02 -4.12 -21.04
N LEU A 7 -6.87 -4.78 -21.14
CA LEU A 7 -6.12 -4.75 -22.39
C LEU A 7 -6.92 -5.36 -23.53
N GLU A 8 -7.65 -6.44 -23.26
CA GLU A 8 -8.46 -7.07 -24.30
C GLU A 8 -9.53 -6.12 -24.83
N GLN A 9 -10.19 -5.37 -23.94
CA GLN A 9 -11.22 -4.44 -24.37
C GLN A 9 -10.66 -3.34 -25.24
N VAL A 10 -9.43 -2.89 -24.96
CA VAL A 10 -8.80 -1.88 -25.80
C VAL A 10 -8.37 -2.48 -27.13
N LEU A 11 -7.74 -3.67 -27.09
CA LEU A 11 -7.25 -4.28 -28.32
C LEU A 11 -8.40 -4.65 -29.24
N GLU A 12 -9.55 -5.05 -28.69
CA GLU A 12 -10.73 -5.27 -29.53
C GLU A 12 -11.19 -3.98 -30.21
N ARG A 13 -10.77 -2.83 -29.70
CA ARG A 13 -11.25 -1.53 -30.17
C ARG A 13 -10.26 -0.78 -31.04
N TYR A 14 -8.95 -0.86 -30.73
CA TYR A 14 -7.96 0.01 -31.34
C TYR A 14 -6.75 -0.70 -31.93
N LEU A 15 -6.66 -2.03 -31.85
CA LEU A 15 -5.50 -2.71 -32.43
C LEU A 15 -5.47 -2.53 -33.95
N ASN A 16 -6.60 -2.81 -34.61
CA ASN A 16 -6.79 -2.48 -36.02
C ASN A 16 -5.82 -3.25 -36.92
N GLY A 17 -5.70 -4.56 -36.66
CA GLY A 17 -4.89 -5.41 -37.50
C GLY A 17 -3.39 -5.24 -37.38
N ARG A 18 -2.93 -4.51 -36.36
CA ARG A 18 -1.50 -4.33 -36.12
C ARG A 18 -0.98 -5.53 -35.33
N GLU A 19 0.27 -5.44 -34.86
CA GLU A 19 0.89 -6.48 -34.05
C GLU A 19 1.28 -5.89 -32.71
N VAL A 20 0.96 -6.61 -31.62
CA VAL A 20 1.27 -6.09 -30.30
C VAL A 20 2.78 -6.13 -30.09
N ALA A 21 3.34 -5.01 -29.67
CA ALA A 21 4.74 -4.91 -29.28
C ALA A 21 4.81 -4.92 -27.76
N VAL A 22 5.40 -5.97 -27.19
CA VAL A 22 5.42 -6.17 -25.75
C VAL A 22 6.65 -5.46 -25.19
N TRP A 23 6.43 -4.32 -24.56
CA TRP A 23 7.50 -3.57 -23.90
C TRP A 23 7.61 -4.08 -22.48
N GLY A 24 8.54 -4.99 -22.25
CA GLY A 24 8.81 -5.51 -20.92
C GLY A 24 8.82 -7.03 -20.90
N VAL A 25 9.24 -7.55 -19.75
CA VAL A 25 9.23 -9.00 -19.51
C VAL A 25 7.79 -9.48 -19.46
N PRO A 26 7.39 -10.40 -20.33
CA PRO A 26 5.99 -10.83 -20.36
C PRO A 26 5.65 -11.76 -19.20
N THR A 27 4.43 -11.64 -18.70
CA THR A 27 3.93 -12.50 -17.65
C THR A 27 2.95 -13.51 -18.23
N ARG A 28 2.72 -14.58 -17.46
CA ARG A 28 1.88 -15.67 -17.93
C ARG A 28 0.46 -15.20 -18.21
N ARG A 29 -0.05 -14.27 -17.40
CA ARG A 29 -1.42 -13.78 -17.62
C ARG A 29 -1.48 -12.88 -18.84
N LEU A 30 -0.46 -12.07 -19.07
CA LEU A 30 -0.41 -11.27 -20.29
C LEU A 30 -0.28 -12.17 -21.52
N LEU A 31 0.54 -13.22 -21.43
CA LEU A 31 0.65 -14.17 -22.53
C LEU A 31 -0.68 -14.85 -22.81
N ARG A 32 -1.50 -15.06 -21.78
CA ARG A 32 -2.82 -15.65 -21.97
C ARG A 32 -3.78 -14.68 -22.64
N ALA A 33 -3.67 -13.38 -22.35
CA ALA A 33 -4.56 -12.40 -22.96
C ALA A 33 -4.17 -12.07 -24.38
N LEU A 34 -2.88 -12.10 -24.70
CA LEU A 34 -2.41 -11.82 -26.05
C LEU A 34 -2.52 -13.02 -26.97
N LYS A 35 -3.15 -14.11 -26.52
CA LYS A 35 -3.24 -15.31 -27.37
C LYS A 35 -4.02 -15.07 -28.66
N PRO A 36 -5.16 -14.37 -28.67
CA PRO A 36 -5.89 -14.15 -29.93
C PRO A 36 -5.27 -13.12 -30.86
N PHE A 37 -4.09 -12.59 -30.57
CA PHE A 37 -3.41 -11.67 -31.48
C PHE A 37 -1.97 -12.11 -31.67
N LYS A 38 -1.33 -11.54 -32.70
CA LYS A 38 0.10 -11.76 -32.91
C LYS A 38 0.90 -10.73 -32.13
N PHE A 39 2.01 -11.16 -31.56
CA PHE A 39 2.80 -10.26 -30.72
C PHE A 39 4.26 -10.69 -30.77
N HIS A 40 5.12 -9.80 -30.24
CA HIS A 40 6.55 -10.03 -30.18
C HIS A 40 7.12 -9.05 -29.15
N THR A 41 8.37 -9.28 -28.76
CA THR A 41 9.05 -8.37 -27.84
C THR A 41 9.46 -7.11 -28.58
N ALA A 42 9.09 -5.96 -28.03
CA ALA A 42 9.23 -4.69 -28.72
C ALA A 42 10.70 -4.33 -28.91
N ASP A 43 11.11 -4.10 -30.15
CA ASP A 43 12.41 -3.51 -30.45
C ASP A 43 12.21 -2.19 -31.20
N ARG A 44 12.11 -2.27 -32.53
CA ARG A 44 11.76 -1.11 -33.34
C ARG A 44 10.25 -1.09 -33.51
N VAL A 45 9.62 -0.02 -33.03
CA VAL A 45 8.17 0.08 -32.99
C VAL A 45 7.72 1.26 -33.86
N ASP A 46 6.65 1.06 -34.61
CA ASP A 46 6.02 2.10 -35.41
C ASP A 46 4.52 2.05 -35.17
N PRO A 47 3.88 3.17 -34.81
CA PRO A 47 2.44 3.14 -34.53
C PRO A 47 1.60 2.70 -35.72
N GLN A 48 2.17 2.68 -36.92
CA GLN A 48 1.45 2.14 -38.06
C GLN A 48 1.44 0.62 -38.05
N TYR A 49 2.50 0.01 -37.53
CA TYR A 49 2.62 -1.45 -37.49
C TYR A 49 2.30 -2.07 -36.14
N HIS A 50 2.53 -1.34 -35.05
CA HIS A 50 2.56 -1.96 -33.73
C HIS A 50 1.63 -1.24 -32.76
N TYR A 51 1.09 -2.02 -31.82
CA TYR A 51 0.45 -1.51 -30.62
C TYR A 51 1.37 -1.91 -29.47
N VAL A 52 2.03 -0.92 -28.86
CA VAL A 52 2.97 -1.20 -27.78
C VAL A 52 2.19 -1.48 -26.51
N VAL A 53 2.56 -2.55 -25.81
CA VAL A 53 1.91 -2.93 -24.56
C VAL A 53 2.99 -3.05 -23.50
N ALA A 54 3.04 -2.08 -22.58
CA ALA A 54 3.96 -2.17 -21.46
C ALA A 54 3.37 -3.09 -20.40
N VAL A 55 4.22 -3.97 -19.86
CA VAL A 55 3.76 -4.94 -18.87
C VAL A 55 3.51 -4.26 -17.53
N THR A 56 4.53 -3.61 -16.99
CA THR A 56 4.44 -2.95 -15.69
C THR A 56 4.38 -1.44 -15.85
N ASP A 57 3.92 -0.77 -14.80
CA ASP A 57 3.99 0.69 -14.77
C ASP A 57 5.44 1.16 -14.91
N ASP A 58 6.37 0.37 -14.39
CA ASP A 58 7.79 0.67 -14.57
C ASP A 58 8.20 0.54 -16.02
N ASP A 59 7.51 -0.31 -16.79
CA ASP A 59 7.81 -0.45 -18.20
C ASP A 59 7.31 0.75 -19.00
N LEU A 60 6.10 1.24 -18.69
CA LEU A 60 5.56 2.39 -19.40
C LEU A 60 6.42 3.62 -19.21
N THR A 61 6.88 3.83 -17.97
CA THR A 61 7.77 4.96 -17.70
C THR A 61 9.02 4.90 -18.56
N ASP A 62 9.56 3.68 -18.76
CA ASP A 62 10.71 3.52 -19.63
C ASP A 62 10.33 3.72 -21.09
N PHE A 63 9.13 3.30 -21.48
CA PHE A 63 8.72 3.43 -22.87
C PHE A 63 8.44 4.88 -23.24
N LEU A 64 7.70 5.60 -22.39
CA LEU A 64 7.34 6.98 -22.70
C LEU A 64 8.53 7.92 -22.68
N SER A 65 9.62 7.55 -22.02
CA SER A 65 10.84 8.34 -22.06
C SER A 65 11.73 7.97 -23.23
N ASP A 66 11.35 6.98 -24.01
CA ASP A 66 12.08 6.62 -25.22
C ASP A 66 11.62 7.49 -26.38
N GLU A 67 12.55 7.77 -27.30
CA GLU A 67 12.24 8.59 -28.46
C GLU A 67 11.24 7.94 -29.40
N GLN A 68 10.92 6.66 -29.20
CA GLN A 68 9.99 6.01 -30.12
C GLN A 68 8.54 6.28 -29.74
N SER A 69 8.26 6.59 -28.48
CA SER A 69 6.89 6.81 -28.03
C SER A 69 6.34 8.17 -28.43
N LYS A 70 7.07 8.95 -29.25
CA LYS A 70 6.61 10.30 -29.55
C LYS A 70 5.36 10.32 -30.41
N SER A 71 5.12 9.27 -31.19
CA SER A 71 3.96 9.20 -32.06
C SER A 71 2.93 8.18 -31.59
N PHE A 72 3.03 7.71 -30.35
CA PHE A 72 2.08 6.77 -29.78
C PHE A 72 1.11 7.51 -28.87
N GLN A 73 -0.18 7.37 -29.15
CA GLN A 73 -1.22 7.99 -28.35
C GLN A 73 -1.65 7.06 -27.24
N TYR A 74 -2.10 7.64 -26.12
CA TYR A 74 -2.59 6.82 -25.03
C TYR A 74 -3.83 6.05 -25.46
N ALA A 75 -3.86 4.76 -25.09
CA ALA A 75 -4.97 3.85 -25.38
C ALA A 75 -5.10 3.57 -26.87
N ASN A 76 -4.97 4.61 -27.70
CA ASN A 76 -5.05 4.42 -29.14
C ASN A 76 -3.92 3.54 -29.64
N ASP A 77 -2.69 3.81 -29.20
CA ASP A 77 -1.52 3.09 -29.68
C ASP A 77 -0.75 2.35 -28.59
N TYR A 78 -0.99 2.63 -27.31
CA TYR A 78 -0.28 1.93 -26.25
C TYR A 78 -1.16 1.84 -25.02
N LEU A 79 -0.76 0.96 -24.10
CA LEU A 79 -1.49 0.69 -22.87
C LEU A 79 -0.63 -0.17 -21.96
N THR A 80 -0.87 -0.04 -20.64
CA THR A 80 -0.21 -0.86 -19.63
C THR A 80 -1.11 -2.04 -19.28
N PHE A 81 -0.50 -3.22 -19.19
CA PHE A 81 -1.29 -4.42 -18.91
C PHE A 81 -1.65 -4.53 -17.42
N ASP A 82 -0.68 -4.26 -16.54
CA ASP A 82 -0.91 -4.35 -15.11
C ASP A 82 -1.51 -3.07 -14.56
N ASP A 83 -2.55 -2.56 -15.21
CA ASP A 83 -3.27 -1.36 -14.77
C ASP A 83 -4.76 -1.56 -15.08
N GLU A 84 -5.36 -2.50 -14.35
CA GLU A 84 -6.79 -2.77 -14.56
C GLU A 84 -7.65 -1.56 -14.17
N GLY A 85 -7.16 -0.73 -13.26
CA GLY A 85 -7.90 0.42 -12.81
C GLY A 85 -7.56 1.72 -13.50
N GLY A 86 -6.76 1.67 -14.57
CA GLY A 86 -6.42 2.88 -15.29
C GLY A 86 -7.56 3.38 -16.15
N GLU A 87 -7.62 4.70 -16.30
CA GLU A 87 -8.68 5.35 -17.05
C GLU A 87 -8.61 4.98 -18.53
N LEU A 88 -9.70 5.29 -19.24
CA LEU A 88 -9.84 4.99 -20.66
C LEU A 88 -10.79 6.02 -21.26
N PRO A 89 -10.72 6.26 -22.57
CA PRO A 89 -11.63 7.24 -23.19
C PRO A 89 -13.02 6.69 -23.48
N PHE A 90 -13.25 5.39 -23.36
CA PHE A 90 -14.57 4.81 -23.56
C PHE A 90 -15.00 4.05 -22.31
N GLU A 91 -16.31 3.93 -22.13
CA GLU A 91 -16.84 3.14 -21.01
C GLU A 91 -16.34 1.71 -21.11
N ARG A 92 -15.88 1.18 -19.97
CA ARG A 92 -15.25 -0.14 -19.94
C ARG A 92 -15.84 -0.96 -18.80
N MET A 93 -15.50 -2.25 -18.79
CA MET A 93 -15.85 -3.16 -17.71
C MET A 93 -14.61 -3.51 -16.89
N CYS A 94 -14.70 -3.38 -15.59
CA CYS A 94 -13.72 -3.98 -14.68
C CYS A 94 -14.35 -5.26 -14.18
N PHE A 95 -13.83 -6.40 -14.67
CA PHE A 95 -14.46 -7.69 -14.49
C PHE A 95 -15.86 -7.65 -15.10
N ASN A 96 -16.88 -7.47 -14.26
CA ASN A 96 -18.24 -7.29 -14.74
C ASN A 96 -18.88 -6.09 -14.07
N VAL A 97 -18.09 -5.05 -13.87
CA VAL A 97 -18.51 -3.82 -13.23
C VAL A 97 -18.32 -2.69 -14.23
N PRO A 98 -19.39 -2.03 -14.67
CA PRO A 98 -19.23 -0.93 -15.63
C PRO A 98 -18.47 0.23 -15.01
N VAL A 99 -17.60 0.87 -15.81
CA VAL A 99 -16.80 2.00 -15.40
C VAL A 99 -16.84 3.06 -16.50
N GLY A 100 -17.22 4.28 -16.14
CA GLY A 100 -17.39 5.35 -17.12
C GLY A 100 -16.08 5.90 -17.63
N ARG A 101 -16.21 6.90 -18.52
CA ARG A 101 -15.05 7.46 -19.19
C ARG A 101 -14.22 8.32 -18.24
N GLN A 102 -12.89 8.23 -18.40
CA GLN A 102 -11.93 9.04 -17.65
C GLN A 102 -12.06 8.83 -16.14
N THR A 103 -12.36 7.59 -15.75
CA THR A 103 -12.50 7.21 -14.36
C THR A 103 -11.40 6.20 -14.04
N TYR A 104 -10.73 6.38 -12.89
CA TYR A 104 -9.63 5.51 -12.51
C TYR A 104 -9.70 5.17 -11.03
N PHE A 105 -9.08 4.05 -10.67
CA PHE A 105 -9.02 3.60 -9.28
C PHE A 105 -7.79 2.71 -9.11
N GLY A 106 -7.65 2.14 -7.92
CA GLY A 106 -6.50 1.34 -7.57
C GLY A 106 -6.83 -0.14 -7.45
N ASP A 107 -5.81 -0.91 -7.04
CA ASP A 107 -5.97 -2.35 -6.96
C ASP A 107 -6.93 -2.77 -5.87
N GLY A 108 -7.03 -2.00 -4.79
CA GLY A 108 -8.03 -2.30 -3.78
C GLY A 108 -9.44 -2.26 -4.34
N VAL A 109 -9.74 -1.23 -5.14
CA VAL A 109 -11.04 -1.14 -5.78
C VAL A 109 -11.18 -2.19 -6.87
N VAL A 110 -10.07 -2.59 -7.49
CA VAL A 110 -10.12 -3.67 -8.47
C VAL A 110 -10.55 -4.97 -7.81
N GLY A 111 -9.95 -5.29 -6.67
CA GLY A 111 -10.36 -6.47 -5.92
C GLY A 111 -11.78 -6.37 -5.42
N ALA A 112 -12.22 -5.16 -5.07
CA ALA A 112 -13.62 -4.98 -4.69
C ALA A 112 -14.55 -5.33 -5.83
N CYS A 113 -14.28 -4.82 -7.03
CA CYS A 113 -15.03 -5.24 -8.22
C CYS A 113 -15.02 -6.76 -8.36
N GLU A 114 -13.87 -7.39 -8.12
CA GLU A 114 -13.76 -8.84 -8.25
C GLU A 114 -14.59 -9.56 -7.19
N ASN A 115 -14.76 -8.95 -6.02
CA ASN A 115 -15.53 -9.55 -4.94
C ASN A 115 -17.02 -9.26 -5.03
N GLY A 116 -17.46 -8.64 -6.13
CA GLY A 116 -18.88 -8.33 -6.28
C GLY A 116 -19.37 -7.23 -5.38
N TYR A 117 -18.50 -6.35 -4.92
CA TYR A 117 -18.91 -5.30 -4.00
C TYR A 117 -19.46 -4.06 -4.71
N ILE A 118 -19.07 -3.82 -5.95
CA ILE A 118 -19.41 -2.58 -6.64
C ILE A 118 -20.33 -2.89 -7.82
N LYS A 119 -21.44 -2.13 -7.92
CA LYS A 119 -22.36 -2.35 -9.03
C LYS A 119 -21.87 -1.70 -10.31
N SER A 120 -21.39 -0.47 -10.20
CA SER A 120 -20.84 0.28 -11.32
C SER A 120 -20.07 1.46 -10.76
N ILE A 121 -19.18 2.02 -11.59
CA ILE A 121 -18.46 3.24 -11.24
C ILE A 121 -18.68 4.25 -12.36
N GLY A 122 -19.00 5.49 -11.99
CA GLY A 122 -19.49 6.48 -12.92
C GLY A 122 -18.41 7.09 -13.80
N GLN A 123 -18.77 8.21 -14.43
CA GLN A 123 -17.90 8.90 -15.37
C GLN A 123 -17.05 9.94 -14.63
N PHE A 124 -15.84 10.15 -15.15
CA PHE A 124 -14.95 11.22 -14.67
C PHE A 124 -14.79 11.18 -13.15
N THR A 125 -14.57 9.98 -12.64
CA THR A 125 -14.44 9.75 -11.20
C THR A 125 -12.99 9.42 -10.88
N SER A 126 -12.44 10.10 -9.88
CA SER A 126 -11.04 10.00 -9.52
C SER A 126 -10.94 9.33 -8.15
N ILE A 127 -10.45 8.09 -8.12
CA ILE A 127 -10.37 7.29 -6.91
C ILE A 127 -8.90 7.02 -6.62
N ASN A 128 -8.46 7.41 -5.43
CA ASN A 128 -7.06 7.24 -5.06
C ASN A 128 -6.69 5.77 -4.94
N GLY A 129 -5.46 5.45 -5.36
CA GLY A 129 -5.05 4.06 -5.43
C GLY A 129 -4.98 3.38 -4.07
N THR A 130 -4.68 4.15 -3.03
CA THR A 130 -4.62 3.61 -1.68
C THR A 130 -5.98 3.58 -1.00
N ALA A 131 -7.06 3.82 -1.74
CA ALA A 131 -8.40 3.68 -1.18
C ALA A 131 -8.75 2.21 -1.08
N GLU A 132 -9.41 1.84 0.01
CA GLU A 132 -9.76 0.45 0.27
C GLU A 132 -11.27 0.30 0.37
N ILE A 133 -11.77 -0.85 -0.08
CA ILE A 133 -13.19 -1.19 0.02
C ILE A 133 -13.30 -2.64 0.44
N HIS A 134 -13.61 -2.90 1.71
CA HIS A 134 -13.76 -4.25 2.25
CA HIS A 134 -13.81 -4.26 2.17
C HIS A 134 -15.09 -4.35 2.98
N ALA A 135 -15.58 -5.59 3.11
CA ALA A 135 -16.82 -5.84 3.84
C ALA A 135 -16.50 -6.34 5.24
N ASN A 136 -17.54 -6.34 6.08
CA ASN A 136 -17.40 -6.86 7.43
C ASN A 136 -17.58 -8.38 7.43
N HIS A 137 -16.92 -9.04 8.37
CA HIS A 137 -17.20 -10.44 8.62
C HIS A 137 -18.52 -10.54 9.38
N GLN A 138 -18.90 -11.77 9.75
CA GLN A 138 -20.07 -11.94 10.60
C GLN A 138 -19.70 -11.57 12.02
N LEU A 139 -20.56 -10.77 12.67
CA LEU A 139 -20.28 -10.27 14.01
C LEU A 139 -21.28 -10.77 15.03
N ASN A 140 -22.18 -11.67 14.63
CA ASN A 140 -23.25 -12.15 15.49
C ASN A 140 -23.09 -13.63 15.84
N MET A 141 -21.89 -14.16 15.68
CA MET A 141 -21.63 -15.59 15.88
C MET A 141 -20.47 -15.70 16.88
N THR A 142 -20.20 -16.92 17.33
CA THR A 142 -19.14 -17.10 18.32
C THR A 142 -17.78 -16.76 17.74
N PHE A 143 -17.60 -16.93 16.43
CA PHE A 143 -16.33 -16.63 15.79
C PHE A 143 -16.51 -15.51 14.76
N VAL A 144 -15.45 -14.72 14.60
CA VAL A 144 -15.41 -13.68 13.58
C VAL A 144 -14.60 -14.11 12.37
N SER A 145 -13.89 -15.25 12.45
CA SER A 145 -13.07 -15.74 11.35
C SER A 145 -13.92 -16.08 10.13
N ASP A 146 -13.31 -15.97 8.96
CA ASP A 146 -13.92 -16.47 7.74
C ASP A 146 -13.27 -17.76 7.25
N ASP A 147 -11.93 -17.84 7.25
CA ASP A 147 -11.23 -18.99 6.71
C ASP A 147 -11.40 -20.24 7.56
N ILE A 148 -12.09 -20.15 8.70
CA ILE A 148 -12.44 -21.35 9.45
C ILE A 148 -13.34 -22.25 8.62
N GLN A 149 -14.09 -21.68 7.68
CA GLN A 149 -14.96 -22.48 6.81
C GLN A 149 -14.16 -23.42 5.92
N ASN A 150 -12.86 -23.17 5.74
CA ASN A 150 -12.01 -24.10 5.02
C ASN A 150 -11.90 -25.44 5.74
N PHE A 151 -12.14 -25.45 7.06
CA PHE A 151 -12.21 -26.68 7.84
C PHE A 151 -13.62 -27.20 7.98
N PHE A 152 -14.61 -26.54 7.36
CA PHE A 152 -15.99 -26.98 7.42
C PHE A 152 -16.25 -28.04 6.36
N ASN A 153 -17.09 -29.01 6.70
CA ASN A 153 -17.51 -30.00 5.73
C ASN A 153 -18.78 -29.53 5.02
N GLU A 154 -19.29 -30.37 4.12
CA GLU A 154 -20.44 -29.98 3.31
C GLU A 154 -21.66 -29.65 4.17
N GLU A 155 -21.80 -30.32 5.30
CA GLU A 155 -22.94 -30.10 6.17
C GLU A 155 -22.77 -28.87 7.06
N SER A 156 -21.53 -28.59 7.49
CA SER A 156 -21.30 -27.47 8.39
C SER A 156 -21.45 -26.13 7.67
N MET A 157 -21.03 -26.06 6.40
CA MET A 157 -21.18 -24.80 5.68
C MET A 157 -22.59 -24.59 5.16
N ALA A 158 -23.38 -25.65 5.02
CA ALA A 158 -24.79 -25.47 4.67
C ALA A 158 -25.49 -24.60 5.71
N VAL A 159 -25.17 -24.80 6.99
CA VAL A 159 -25.77 -23.98 8.04
C VAL A 159 -24.99 -22.70 8.30
N PHE A 160 -23.69 -22.67 7.99
CA PHE A 160 -22.94 -21.41 8.09
C PHE A 160 -23.41 -20.42 7.04
N GLN A 161 -23.45 -20.84 5.77
CA GLN A 161 -23.93 -19.98 4.70
C GLN A 161 -25.40 -19.62 4.90
N GLU A 162 -26.16 -20.49 5.59
CA GLU A 162 -27.58 -20.24 5.77
C GLU A 162 -27.81 -18.99 6.62
N LYS A 163 -27.10 -18.88 7.75
CA LYS A 163 -27.31 -17.75 8.64
C LYS A 163 -26.63 -16.49 8.14
N LEU A 164 -25.61 -16.62 7.29
CA LEU A 164 -24.95 -15.45 6.72
C LEU A 164 -25.90 -14.69 5.80
N ARG A 165 -26.68 -15.42 5.00
CA ARG A 165 -27.63 -14.75 4.12
C ARG A 165 -28.87 -14.27 4.85
N LYS A 166 -29.14 -14.80 6.04
CA LYS A 166 -30.21 -14.26 6.88
C LYS A 166 -29.74 -13.04 7.67
N ASP A 167 -28.44 -12.86 7.85
CA ASP A 167 -27.89 -11.79 8.67
C ASP A 167 -28.29 -10.44 8.10
N PRO A 168 -29.04 -9.61 8.84
CA PRO A 168 -29.41 -8.29 8.31
C PRO A 168 -28.24 -7.35 8.15
N LYS A 169 -27.10 -7.63 8.79
CA LYS A 169 -25.94 -6.76 8.74
C LYS A 169 -25.04 -7.01 7.54
N HIS A 170 -25.44 -7.91 6.64
CA HIS A 170 -24.78 -8.12 5.36
C HIS A 170 -23.28 -8.46 5.50
N PRO A 171 -22.95 -9.56 6.19
CA PRO A 171 -21.54 -10.00 6.20
C PRO A 171 -21.14 -10.46 4.81
N TYR A 172 -19.94 -10.03 4.39
CA TYR A 172 -19.45 -10.29 3.03
C TYR A 172 -20.41 -9.77 1.97
N ALA A 173 -21.07 -8.65 2.28
CA ALA A 173 -21.97 -7.95 1.37
C ALA A 173 -23.15 -8.84 0.95
N TYR A 174 -23.59 -9.71 1.85
CA TYR A 174 -24.67 -10.64 1.54
C TYR A 174 -26.02 -9.95 1.66
N SER A 175 -26.96 -10.33 0.80
CA SER A 175 -28.34 -9.86 0.87
C SER A 175 -28.45 -8.33 0.79
N LYS A 176 -27.54 -7.71 0.06
CA LYS A 176 -27.60 -6.27 -0.15
C LYS A 176 -27.18 -5.97 -1.57
N GLU A 177 -27.69 -4.87 -2.11
CA GLU A 177 -27.33 -4.49 -3.46
C GLU A 177 -25.86 -4.06 -3.48
N PRO A 178 -25.12 -4.40 -4.54
CA PRO A 178 -23.76 -3.90 -4.66
C PRO A 178 -23.72 -2.38 -4.65
N MET A 179 -22.52 -1.83 -4.46
CA MET A 179 -22.34 -0.42 -4.18
C MET A 179 -22.17 0.37 -5.47
N THR A 180 -22.94 1.44 -5.61
CA THR A 180 -22.89 2.31 -6.79
C THR A 180 -22.08 3.57 -6.47
N ILE A 181 -21.00 3.76 -7.22
CA ILE A 181 -20.16 4.94 -7.06
C ILE A 181 -20.42 5.85 -8.25
N GLY A 182 -20.91 7.05 -7.97
CA GLY A 182 -21.43 7.90 -9.00
C GLY A 182 -20.33 8.51 -9.84
N SER A 183 -20.75 9.54 -10.58
CA SER A 183 -19.89 10.30 -11.46
C SER A 183 -19.42 11.57 -10.79
N ASP A 184 -18.28 12.08 -11.26
CA ASP A 184 -17.65 13.26 -10.70
C ASP A 184 -17.33 13.06 -9.22
N VAL A 185 -16.90 11.86 -8.86
CA VAL A 185 -16.58 11.53 -7.48
C VAL A 185 -15.08 11.64 -7.27
N TYR A 186 -14.68 12.20 -6.13
CA TYR A 186 -13.29 12.25 -5.71
C TYR A 186 -13.14 11.56 -4.37
N ILE A 187 -12.22 10.60 -4.29
CA ILE A 187 -11.95 9.86 -3.06
C ILE A 187 -10.46 9.96 -2.75
N GLY A 188 -10.14 10.37 -1.52
CA GLY A 188 -8.76 10.61 -1.14
C GLY A 188 -7.98 9.35 -0.80
N ALA A 189 -6.71 9.56 -0.49
CA ALA A 189 -5.81 8.46 -0.14
C ALA A 189 -6.16 7.90 1.25
N HIS A 190 -5.93 6.59 1.41
CA HIS A 190 -6.19 5.87 2.65
C HIS A 190 -7.65 5.94 3.07
N ALA A 191 -8.56 6.22 2.14
CA ALA A 191 -9.97 6.22 2.49
C ALA A 191 -10.50 4.78 2.49
N PHE A 192 -11.63 4.60 3.18
CA PHE A 192 -12.22 3.28 3.36
C PHE A 192 -13.73 3.38 3.25
N ILE A 193 -14.32 2.50 2.45
CA ILE A 193 -15.76 2.41 2.29
C ILE A 193 -16.17 0.99 2.63
N ASN A 194 -17.17 0.85 3.49
CA ASN A 194 -17.59 -0.45 4.01
C ASN A 194 -18.63 -1.06 3.08
N ALA A 195 -18.26 -2.16 2.41
CA ALA A 195 -19.14 -2.81 1.44
C ALA A 195 -20.34 -3.50 2.09
N SER A 196 -20.31 -3.71 3.40
CA SER A 196 -21.44 -4.31 4.10
C SER A 196 -22.53 -3.29 4.39
N THR A 197 -22.16 -2.02 4.59
CA THR A 197 -23.10 -1.02 5.06
C THR A 197 -23.24 0.18 4.13
N VAL A 198 -22.55 0.20 2.99
CA VAL A 198 -22.63 1.31 2.04
C VAL A 198 -23.20 0.77 0.74
N THR A 199 -24.31 1.36 0.29
CA THR A 199 -24.91 0.98 -0.98
C THR A 199 -24.69 1.99 -2.10
N SER A 200 -24.33 3.23 -1.78
CA SER A 200 -24.11 4.22 -2.83
C SER A 200 -23.16 5.29 -2.33
N ILE A 201 -22.32 5.79 -3.25
CA ILE A 201 -21.59 7.03 -3.09
C ILE A 201 -22.13 7.97 -4.15
N GLY A 202 -22.81 9.03 -3.72
CA GLY A 202 -23.56 9.87 -4.64
C GLY A 202 -22.68 10.49 -5.70
N ASP A 203 -23.35 10.93 -6.78
CA ASP A 203 -22.66 11.71 -7.79
C ASP A 203 -22.02 12.94 -7.15
N GLY A 204 -20.84 13.31 -7.64
CA GLY A 204 -20.18 14.48 -7.14
C GLY A 204 -19.70 14.40 -5.70
N ALA A 205 -19.82 13.25 -5.05
CA ALA A 205 -19.39 13.14 -3.67
C ALA A 205 -17.87 13.20 -3.56
N ILE A 206 -17.39 13.83 -2.50
CA ILE A 206 -15.97 14.00 -2.24
C ILE A 206 -15.63 13.32 -0.91
N ILE A 207 -14.79 12.30 -0.96
CA ILE A 207 -14.37 11.56 0.23
C ILE A 207 -12.94 11.95 0.55
N GLY A 208 -12.74 12.58 1.70
CA GLY A 208 -11.43 13.09 2.05
C GLY A 208 -10.45 12.00 2.39
N SER A 209 -9.18 12.36 2.31
CA SER A 209 -8.10 11.43 2.62
C SER A 209 -8.15 11.01 4.08
N GLY A 210 -7.99 9.70 4.32
CA GLY A 210 -8.05 9.17 5.66
C GLY A 210 -9.44 9.03 6.23
N ALA A 211 -10.47 9.14 5.40
CA ALA A 211 -11.84 9.09 5.89
C ALA A 211 -12.36 7.66 5.84
N VAL A 212 -13.14 7.31 6.86
CA VAL A 212 -13.71 5.97 7.00
C VAL A 212 -15.21 6.11 6.79
N VAL A 213 -15.68 5.72 5.62
CA VAL A 213 -17.09 5.86 5.23
C VAL A 213 -17.83 4.60 5.64
N LEU A 214 -18.84 4.75 6.50
CA LEU A 214 -19.65 3.61 6.91
C LEU A 214 -21.11 3.69 6.47
N GLU A 215 -21.60 4.86 6.04
CA GLU A 215 -22.95 4.97 5.51
C GLU A 215 -22.92 5.75 4.21
N ASN A 216 -24.03 5.68 3.47
CA ASN A 216 -24.12 6.29 2.15
C ASN A 216 -23.77 7.77 2.19
N VAL A 217 -22.92 8.20 1.28
CA VAL A 217 -22.58 9.62 1.11
C VAL A 217 -23.60 10.23 0.14
N PRO A 218 -24.24 11.34 0.49
CA PRO A 218 -25.19 11.99 -0.42
C PRO A 218 -24.47 12.60 -1.61
N PRO A 219 -25.17 12.78 -2.73
CA PRO A 219 -24.55 13.45 -3.89
C PRO A 219 -23.98 14.82 -3.53
N PHE A 220 -22.75 15.06 -3.98
CA PHE A 220 -22.06 16.34 -3.83
C PHE A 220 -21.82 16.70 -2.36
N ALA A 221 -21.85 15.71 -1.49
CA ALA A 221 -21.46 15.91 -0.10
C ALA A 221 -19.96 15.73 0.06
N VAL A 222 -19.37 16.52 0.96
CA VAL A 222 -17.96 16.43 1.29
C VAL A 222 -17.86 15.81 2.68
N VAL A 223 -17.32 14.60 2.78
CA VAL A 223 -17.23 13.88 4.04
C VAL A 223 -15.77 13.68 4.41
N VAL A 224 -15.45 13.92 5.69
CA VAL A 224 -14.10 13.72 6.22
C VAL A 224 -14.20 13.16 7.63
N GLY A 225 -13.15 12.48 8.06
CA GLY A 225 -13.00 12.05 9.43
C GLY A 225 -13.07 10.54 9.58
N VAL A 226 -12.90 10.12 10.84
CA VAL A 226 -12.95 8.72 11.25
C VAL A 226 -13.92 8.60 12.43
N PRO A 227 -15.18 8.22 12.20
CA PRO A 227 -15.80 7.86 10.92
C PRO A 227 -16.11 9.08 10.07
N ALA A 228 -16.50 8.87 8.82
CA ALA A 228 -16.73 9.99 7.91
C ALA A 228 -17.99 10.74 8.28
N ARG A 229 -17.90 12.06 8.31
CA ARG A 229 -19.03 12.93 8.59
C ARG A 229 -19.05 14.05 7.56
N ILE A 230 -20.25 14.54 7.25
CA ILE A 230 -20.41 15.56 6.23
C ILE A 230 -19.90 16.88 6.79
N LYS A 231 -18.93 17.48 6.11
CA LYS A 231 -18.38 18.78 6.47
C LYS A 231 -19.02 19.92 5.69
N ARG A 232 -19.33 19.70 4.42
CA ARG A 232 -19.97 20.73 3.59
C ARG A 232 -20.59 20.04 2.38
N TYR A 233 -21.42 20.78 1.65
CA TYR A 233 -21.92 20.34 0.36
C TYR A 233 -21.22 21.13 -0.73
N ARG A 234 -21.00 20.46 -1.87
CA ARG A 234 -20.24 21.07 -2.96
C ARG A 234 -20.96 22.28 -3.52
N PHE A 235 -22.25 22.13 -3.80
CA PHE A 235 -23.09 23.18 -4.36
C PHE A 235 -24.37 23.32 -3.54
N SER A 236 -25.13 24.37 -3.83
CA SER A 236 -26.41 24.57 -3.16
C SER A 236 -27.38 23.44 -3.50
N LYS A 237 -28.50 23.40 -2.78
CA LYS A 237 -29.50 22.36 -3.03
C LYS A 237 -30.06 22.47 -4.43
N GLU A 238 -30.30 23.71 -4.91
CA GLU A 238 -30.90 23.90 -6.23
C GLU A 238 -30.00 23.38 -7.33
N MET A 239 -28.69 23.68 -7.27
CA MET A 239 -27.79 23.19 -8.29
C MET A 239 -27.67 21.67 -8.25
N ILE A 240 -27.79 21.07 -7.07
CA ILE A 240 -27.72 19.61 -6.97
C ILE A 240 -28.88 18.98 -7.73
N GLU A 241 -30.08 19.57 -7.61
CA GLU A 241 -31.22 19.08 -8.40
C GLU A 241 -30.94 19.21 -9.89
N THR A 242 -30.48 20.38 -10.34
CA THR A 242 -30.22 20.55 -11.77
C THR A 242 -29.04 19.71 -12.23
N LEU A 243 -28.03 19.54 -11.39
CA LEU A 243 -26.90 18.69 -11.77
C LEU A 243 -27.34 17.25 -12.01
N LEU A 244 -28.35 16.80 -11.27
CA LEU A 244 -28.84 15.44 -11.44
C LEU A 244 -29.77 15.29 -12.63
N ARG A 245 -30.40 16.38 -13.07
CA ARG A 245 -31.23 16.29 -14.26
C ARG A 245 -30.41 16.43 -15.52
N VAL A 246 -29.37 17.27 -15.48
CA VAL A 246 -28.55 17.53 -16.67
C VAL A 246 -27.62 16.37 -16.93
N LYS A 247 -26.92 15.91 -15.90
CA LYS A 247 -25.93 14.84 -15.99
C LYS A 247 -24.91 15.14 -17.08
N TRP A 248 -24.10 16.17 -16.82
CA TRP A 248 -23.05 16.53 -17.77
C TRP A 248 -22.10 15.36 -18.01
N TRP A 249 -21.93 14.49 -17.01
CA TRP A 249 -21.00 13.37 -17.15
C TRP A 249 -21.40 12.39 -18.25
N ASP A 250 -22.62 12.50 -18.77
CA ASP A 250 -23.04 11.66 -19.90
C ASP A 250 -22.97 12.40 -21.23
N TRP A 251 -22.51 13.65 -21.23
CA TRP A 251 -22.40 14.40 -22.47
C TRP A 251 -21.38 13.76 -23.39
N SER A 252 -21.54 14.01 -24.68
CA SER A 252 -20.53 13.64 -25.64
C SER A 252 -19.29 14.53 -25.47
N ILE A 253 -18.21 14.15 -26.14
CA ILE A 253 -17.02 14.99 -26.19
C ILE A 253 -17.36 16.37 -26.74
N GLU A 254 -18.25 16.40 -27.74
CA GLU A 254 -18.66 17.66 -28.35
C GLU A 254 -19.32 18.58 -27.34
N GLU A 255 -20.29 18.06 -26.59
CA GLU A 255 -21.03 18.89 -25.65
C GLU A 255 -20.13 19.35 -24.51
N ILE A 256 -19.16 18.53 -24.11
CA ILE A 256 -18.25 18.92 -23.05
C ILE A 256 -17.38 20.10 -23.49
N ASN A 257 -16.86 20.04 -24.72
CA ASN A 257 -16.05 21.15 -25.21
C ASN A 257 -16.92 22.36 -25.53
N GLU A 258 -18.15 22.16 -26.01
CA GLU A 258 -19.01 23.28 -26.34
C GLU A 258 -19.48 24.02 -25.10
N ASN A 259 -19.73 23.29 -24.01
CA ASN A 259 -20.17 23.91 -22.76
C ASN A 259 -19.06 23.92 -21.72
N VAL A 260 -17.81 24.08 -22.16
CA VAL A 260 -16.71 24.18 -21.20
C VAL A 260 -16.87 25.41 -20.33
N ASP A 261 -17.42 26.50 -20.87
CA ASP A 261 -17.65 27.68 -20.05
C ASP A 261 -18.60 27.37 -18.90
N ALA A 262 -19.58 26.51 -19.15
CA ALA A 262 -20.51 26.12 -18.09
C ALA A 262 -19.89 25.12 -17.13
N LEU A 263 -18.96 24.29 -17.61
CA LEU A 263 -18.31 23.34 -16.72
C LEU A 263 -17.28 24.04 -15.83
N ILE A 264 -16.69 25.14 -16.31
CA ILE A 264 -15.68 25.84 -15.53
C ILE A 264 -16.31 26.73 -14.47
N SER A 265 -17.41 27.40 -14.79
CA SER A 265 -18.06 28.30 -13.85
C SER A 265 -19.38 27.72 -13.38
N PRO A 266 -19.52 27.32 -12.11
CA PRO A 266 -20.81 26.82 -11.64
C PRO A 266 -21.93 27.83 -11.80
N GLU A 267 -21.65 29.12 -11.63
CA GLU A 267 -22.69 30.13 -11.75
C GLU A 267 -23.20 30.23 -13.19
N LEU A 268 -22.29 30.11 -14.16
CA LEU A 268 -22.71 30.09 -15.55
C LEU A 268 -23.50 28.83 -15.86
N PHE A 269 -23.07 27.69 -15.31
CA PHE A 269 -23.84 26.46 -15.42
C PHE A 269 -25.24 26.62 -14.86
N MET A 270 -25.39 27.42 -13.79
CA MET A 270 -26.69 27.59 -13.14
C MET A 270 -27.67 28.35 -14.02
N LYS A 271 -27.23 29.44 -14.64
CA LYS A 271 -28.15 30.19 -15.48
C LYS A 271 -28.50 29.44 -16.75
N LYS A 272 -27.55 28.67 -17.30
CA LYS A 272 -27.78 28.01 -18.57
C LYS A 272 -28.72 26.81 -18.42
N TYR A 273 -28.43 25.92 -17.49
CA TYR A 273 -29.20 24.69 -17.32
C TYR A 273 -30.13 24.73 -16.12
N GLY A 274 -30.04 25.76 -15.29
CA GLY A 274 -30.96 25.91 -14.19
C GLY A 274 -32.39 25.99 -14.68
N SER A 275 -33.29 25.82 -13.71
CA SER A 275 -34.70 25.64 -14.02
C SER A 275 -35.22 26.70 -14.98
N LEU A 276 -34.90 27.97 -14.71
CA LEU A 276 -35.50 29.04 -15.50
C LEU A 276 -34.66 30.30 -15.30
N MET B 3 15.55 -21.27 8.93
CA MET B 3 14.42 -20.39 8.63
C MET B 3 13.78 -20.76 7.29
N LYS B 4 12.86 -21.71 7.34
CA LYS B 4 12.17 -22.16 6.14
C LYS B 4 11.09 -21.16 5.73
N THR B 5 10.87 -21.06 4.43
CA THR B 5 9.85 -20.18 3.88
C THR B 5 8.47 -20.80 4.07
N ARG B 6 7.42 -20.05 3.68
CA ARG B 6 6.08 -20.62 3.67
C ARG B 6 5.98 -21.76 2.65
N LEU B 7 6.63 -21.60 1.50
CA LEU B 7 6.63 -22.66 0.50
C LEU B 7 7.41 -23.87 0.99
N GLU B 8 8.60 -23.64 1.58
CA GLU B 8 9.39 -24.75 2.08
C GLU B 8 8.62 -25.56 3.10
N GLN B 9 7.84 -24.89 3.95
CA GLN B 9 7.06 -25.62 4.94
C GLN B 9 6.01 -26.49 4.27
N VAL B 10 5.41 -26.01 3.19
CA VAL B 10 4.34 -26.75 2.55
C VAL B 10 4.90 -27.92 1.73
N LEU B 11 6.03 -27.71 1.06
CA LEU B 11 6.58 -28.77 0.23
C LEU B 11 7.10 -29.93 1.06
N GLU B 12 7.72 -29.64 2.22
CA GLU B 12 8.19 -30.70 3.08
C GLU B 12 7.07 -31.62 3.55
N ARG B 13 5.83 -31.16 3.48
CA ARG B 13 4.69 -31.86 4.04
C ARG B 13 3.75 -32.43 2.99
N TYR B 14 3.55 -31.76 1.85
CA TYR B 14 2.54 -32.16 0.89
C TYR B 14 3.06 -32.56 -0.48
N LEU B 15 4.33 -32.29 -0.80
CA LEU B 15 4.84 -32.57 -2.14
C LEU B 15 4.66 -34.04 -2.49
N ASN B 16 5.09 -34.93 -1.59
CA ASN B 16 4.81 -36.37 -1.69
C ASN B 16 5.41 -36.97 -2.97
N GLY B 17 6.69 -36.74 -3.18
CA GLY B 17 7.40 -37.34 -4.30
C GLY B 17 7.02 -36.83 -5.67
N ARG B 18 6.23 -35.76 -5.77
CA ARG B 18 5.86 -35.22 -7.07
C ARG B 18 6.91 -34.21 -7.53
N GLU B 19 6.68 -33.61 -8.68
CA GLU B 19 7.52 -32.53 -9.21
C GLU B 19 6.77 -31.21 -9.07
N VAL B 20 7.48 -30.17 -8.64
CA VAL B 20 6.86 -28.84 -8.56
C VAL B 20 6.86 -28.20 -9.94
N ALA B 21 5.68 -27.85 -10.42
CA ALA B 21 5.50 -27.17 -11.70
C ALA B 21 5.36 -25.68 -11.45
N VAL B 22 6.31 -24.90 -11.96
CA VAL B 22 6.36 -23.46 -11.68
C VAL B 22 5.48 -22.75 -12.70
N TRP B 23 4.38 -22.16 -12.23
CA TRP B 23 3.48 -21.38 -13.06
C TRP B 23 3.92 -19.92 -12.98
N GLY B 24 4.68 -19.47 -13.97
CA GLY B 24 5.13 -18.10 -14.02
C GLY B 24 6.63 -18.01 -14.18
N VAL B 25 7.11 -16.78 -14.26
CA VAL B 25 8.54 -16.51 -14.41
C VAL B 25 9.21 -16.65 -13.05
N PRO B 26 10.20 -17.52 -12.94
CA PRO B 26 10.80 -17.81 -11.64
C PRO B 26 11.76 -16.71 -11.21
N THR B 27 11.76 -16.44 -9.91
CA THR B 27 12.63 -15.43 -9.33
C THR B 27 13.84 -16.08 -8.67
N ARG B 28 14.80 -15.23 -8.29
CA ARG B 28 16.04 -15.73 -7.70
C ARG B 28 15.77 -16.41 -6.37
N ARG B 29 14.88 -15.86 -5.55
CA ARG B 29 14.59 -16.44 -4.25
C ARG B 29 13.69 -17.67 -4.34
N LEU B 30 12.96 -17.82 -5.44
CA LEU B 30 12.17 -19.04 -5.62
C LEU B 30 13.05 -20.22 -6.03
N LEU B 31 13.96 -20.00 -7.00
CA LEU B 31 14.90 -21.04 -7.38
C LEU B 31 15.71 -21.52 -6.18
N ARG B 32 16.07 -20.59 -5.29
CA ARG B 32 16.83 -20.99 -4.11
C ARG B 32 15.98 -21.85 -3.18
N ALA B 33 14.70 -21.51 -3.03
CA ALA B 33 13.83 -22.33 -2.20
C ALA B 33 13.55 -23.69 -2.84
N LEU B 34 13.56 -23.76 -4.17
CA LEU B 34 13.25 -24.99 -4.90
C LEU B 34 14.48 -25.85 -5.17
N LYS B 35 15.67 -25.38 -4.83
CA LYS B 35 16.89 -26.15 -5.10
C LYS B 35 16.87 -27.58 -4.56
N PRO B 36 16.32 -27.87 -3.37
CA PRO B 36 16.21 -29.26 -2.93
C PRO B 36 15.07 -30.04 -3.55
N PHE B 37 14.45 -29.56 -4.63
CA PHE B 37 13.30 -30.23 -5.23
C PHE B 37 13.50 -30.34 -6.74
N LYS B 38 12.63 -31.14 -7.37
CA LYS B 38 12.62 -31.30 -8.82
C LYS B 38 11.57 -30.37 -9.40
N PHE B 39 12.02 -29.32 -10.09
CA PHE B 39 11.13 -28.32 -10.66
C PHE B 39 11.36 -28.20 -12.16
N HIS B 40 10.39 -27.60 -12.83
CA HIS B 40 10.46 -27.33 -14.27
C HIS B 40 9.34 -26.37 -14.60
N THR B 41 9.44 -25.76 -15.78
CA THR B 41 8.41 -24.83 -16.24
C THR B 41 7.10 -25.58 -16.45
N ALA B 42 6.02 -25.05 -15.89
CA ALA B 42 4.73 -25.72 -15.99
C ALA B 42 4.22 -25.68 -17.42
N ASP B 43 3.64 -26.79 -17.87
CA ASP B 43 3.06 -26.88 -19.19
C ASP B 43 1.71 -27.60 -19.09
N ARG B 44 1.75 -28.92 -19.14
CA ARG B 44 0.59 -29.75 -18.86
C ARG B 44 0.77 -30.33 -17.46
N VAL B 45 -0.21 -30.12 -16.59
CA VAL B 45 -0.06 -30.44 -15.18
C VAL B 45 -1.17 -31.37 -14.73
N ASP B 46 -0.83 -32.26 -13.81
CA ASP B 46 -1.74 -33.24 -13.22
C ASP B 46 -1.43 -33.30 -11.73
N PRO B 47 -2.44 -33.26 -10.86
CA PRO B 47 -2.17 -33.32 -9.41
C PRO B 47 -1.56 -34.64 -8.96
N GLN B 48 -1.75 -35.73 -9.70
CA GLN B 48 -1.08 -36.99 -9.37
C GLN B 48 0.42 -36.92 -9.65
N TYR B 49 0.85 -35.96 -10.46
CA TYR B 49 2.22 -35.82 -10.94
C TYR B 49 2.92 -34.56 -10.48
N HIS B 50 2.19 -33.45 -10.36
CA HIS B 50 2.79 -32.14 -10.23
C HIS B 50 2.16 -31.38 -9.07
N TYR B 51 2.97 -30.56 -8.42
CA TYR B 51 2.51 -29.57 -7.45
C TYR B 51 2.73 -28.21 -8.09
N VAL B 52 1.64 -27.57 -8.54
CA VAL B 52 1.76 -26.28 -9.19
C VAL B 52 2.14 -25.22 -8.18
N VAL B 53 3.22 -24.48 -8.46
CA VAL B 53 3.62 -23.34 -7.66
C VAL B 53 3.45 -22.10 -8.53
N ALA B 54 2.65 -21.14 -8.05
CA ALA B 54 2.48 -19.87 -8.73
C ALA B 54 3.43 -18.84 -8.12
N VAL B 55 4.23 -18.20 -8.97
CA VAL B 55 5.25 -17.28 -8.48
C VAL B 55 4.63 -16.07 -7.82
N THR B 56 3.65 -15.45 -8.48
CA THR B 56 3.04 -14.22 -8.00
C THR B 56 1.54 -14.41 -7.81
N ASP B 57 0.95 -13.54 -6.97
CA ASP B 57 -0.50 -13.52 -6.82
C ASP B 57 -1.18 -13.45 -8.18
N ASP B 58 -0.61 -12.66 -9.10
CA ASP B 58 -1.14 -12.55 -10.44
C ASP B 58 -1.00 -13.86 -11.22
N ASP B 59 0.01 -14.68 -10.86
CA ASP B 59 0.19 -15.95 -11.55
C ASP B 59 -0.85 -16.97 -11.12
N LEU B 60 -1.25 -16.94 -9.84
CA LEU B 60 -2.24 -17.92 -9.37
C LEU B 60 -3.62 -17.64 -9.95
N THR B 61 -4.00 -16.37 -10.07
CA THR B 61 -5.26 -16.04 -10.72
C THR B 61 -5.31 -16.62 -12.12
N ASP B 62 -4.19 -16.52 -12.86
CA ASP B 62 -4.12 -17.08 -14.20
C ASP B 62 -4.23 -18.60 -14.17
N PHE B 63 -3.69 -19.25 -13.14
CA PHE B 63 -3.74 -20.70 -13.05
C PHE B 63 -5.15 -21.20 -12.74
N LEU B 64 -5.81 -20.61 -11.75
CA LEU B 64 -7.14 -21.06 -11.36
C LEU B 64 -8.19 -20.80 -12.43
N SER B 65 -7.93 -19.86 -13.34
CA SER B 65 -8.81 -19.67 -14.48
C SER B 65 -8.61 -20.76 -15.53
N ASP B 66 -7.49 -21.47 -15.48
CA ASP B 66 -7.22 -22.54 -16.41
C ASP B 66 -7.95 -23.81 -15.97
N GLU B 67 -8.37 -24.59 -16.95
CA GLU B 67 -9.17 -25.79 -16.69
C GLU B 67 -8.35 -26.94 -16.14
N GLN B 68 -7.01 -26.85 -16.17
CA GLN B 68 -6.18 -27.85 -15.51
C GLN B 68 -6.16 -27.68 -13.99
N SER B 69 -6.60 -26.53 -13.48
CA SER B 69 -6.61 -26.28 -12.05
C SER B 69 -7.83 -26.87 -11.34
N LYS B 70 -8.79 -27.42 -12.08
CA LYS B 70 -10.03 -27.89 -11.47
C LYS B 70 -9.80 -29.07 -10.53
N SER B 71 -8.74 -29.84 -10.74
CA SER B 71 -8.45 -31.01 -9.91
C SER B 71 -7.55 -30.69 -8.73
N PHE B 72 -6.87 -29.55 -8.74
CA PHE B 72 -5.97 -29.19 -7.67
C PHE B 72 -6.72 -28.63 -6.48
N GLN B 73 -6.21 -28.90 -5.28
CA GLN B 73 -6.74 -28.34 -4.04
C GLN B 73 -5.72 -27.39 -3.43
N TYR B 74 -6.23 -26.40 -2.70
CA TYR B 74 -5.36 -25.41 -2.09
C TYR B 74 -4.42 -26.07 -1.09
N ALA B 75 -3.16 -25.59 -1.08
CA ALA B 75 -2.11 -26.05 -0.20
C ALA B 75 -1.70 -27.49 -0.50
N ASN B 76 -2.66 -28.41 -0.56
CA ASN B 76 -2.35 -29.81 -0.82
C ASN B 76 -1.72 -30.01 -2.18
N ASP B 77 -2.07 -29.17 -3.16
CA ASP B 77 -1.65 -29.36 -4.53
C ASP B 77 -1.16 -28.10 -5.22
N TYR B 78 -1.40 -26.92 -4.67
CA TYR B 78 -0.84 -25.71 -5.24
C TYR B 78 -0.70 -24.65 -4.15
N LEU B 79 0.15 -23.66 -4.44
CA LEU B 79 0.45 -22.58 -3.52
C LEU B 79 1.12 -21.45 -4.29
N THR B 80 1.01 -20.24 -3.77
CA THR B 80 1.69 -19.07 -4.32
C THR B 80 2.98 -18.81 -3.55
N PHE B 81 4.04 -18.48 -4.29
CA PHE B 81 5.32 -18.20 -3.64
C PHE B 81 5.26 -16.89 -2.84
N ASP B 82 5.05 -15.76 -3.50
CA ASP B 82 5.07 -14.45 -2.84
C ASP B 82 3.76 -14.29 -2.06
N ASP B 83 3.70 -14.99 -0.92
CA ASP B 83 2.54 -14.91 -0.03
C ASP B 83 2.86 -15.43 1.36
N GLU B 84 3.93 -14.89 1.97
CA GLU B 84 4.35 -15.37 3.28
C GLU B 84 3.25 -15.20 4.33
N GLY B 85 2.32 -14.27 4.12
CA GLY B 85 1.24 -14.08 5.07
C GLY B 85 -0.02 -14.87 4.77
N GLY B 86 -0.01 -15.74 3.77
CA GLY B 86 -1.21 -16.48 3.43
C GLY B 86 -1.50 -17.63 4.39
N GLU B 87 -2.80 -17.90 4.56
CA GLU B 87 -3.27 -18.93 5.49
C GLU B 87 -2.78 -20.31 5.08
N LEU B 88 -2.83 -21.24 6.02
CA LEU B 88 -2.45 -22.63 5.80
C LEU B 88 -3.30 -23.53 6.68
N PRO B 89 -3.58 -24.75 6.27
CA PRO B 89 -4.46 -25.60 7.09
C PRO B 89 -3.75 -26.20 8.28
N PHE B 90 -2.52 -25.76 8.56
CA PHE B 90 -1.79 -26.20 9.75
C PHE B 90 -1.02 -25.02 10.33
N GLU B 91 -0.59 -25.20 11.58
CA GLU B 91 0.22 -24.18 12.25
C GLU B 91 1.58 -24.09 11.57
N ARG B 92 1.95 -22.89 11.16
CA ARG B 92 3.14 -22.65 10.37
C ARG B 92 4.07 -21.68 11.10
N MET B 93 5.20 -21.40 10.46
CA MET B 93 6.21 -20.49 11.00
C MET B 93 6.46 -19.40 9.96
N CYS B 94 6.06 -18.17 10.28
CA CYS B 94 6.42 -17.00 9.48
C CYS B 94 7.73 -16.46 10.04
N PHE B 95 8.80 -16.61 9.28
CA PHE B 95 10.16 -16.42 9.79
C PHE B 95 10.37 -17.35 10.97
N ASN B 96 10.29 -16.82 12.19
CA ASN B 96 10.31 -17.69 13.37
C ASN B 96 9.19 -17.32 14.32
N VAL B 97 8.06 -16.89 13.77
CA VAL B 97 6.87 -16.51 14.54
C VAL B 97 5.81 -17.57 14.31
N PRO B 98 5.33 -18.26 15.35
CA PRO B 98 4.26 -19.25 15.16
C PRO B 98 2.95 -18.58 14.76
N VAL B 99 2.36 -19.08 13.69
CA VAL B 99 1.10 -18.60 13.13
C VAL B 99 0.11 -19.76 13.12
N GLY B 100 -1.09 -19.52 13.62
CA GLY B 100 -2.08 -20.57 13.77
C GLY B 100 -2.71 -20.98 12.45
N ARG B 101 -3.62 -21.95 12.55
CA ARG B 101 -4.31 -22.47 11.37
C ARG B 101 -5.26 -21.44 10.79
N GLN B 102 -5.31 -21.36 9.46
CA GLN B 102 -6.25 -20.51 8.72
C GLN B 102 -6.15 -19.05 9.14
N THR B 103 -4.92 -18.57 9.30
CA THR B 103 -4.65 -17.20 9.72
C THR B 103 -3.83 -16.51 8.65
N TYR B 104 -4.26 -15.32 8.24
CA TYR B 104 -3.64 -14.63 7.12
C TYR B 104 -3.40 -13.16 7.43
N PHE B 105 -2.29 -12.64 6.92
CA PHE B 105 -1.98 -11.22 7.06
C PHE B 105 -1.26 -10.75 5.79
N GLY B 106 -1.02 -9.44 5.72
CA GLY B 106 -0.35 -8.84 4.59
C GLY B 106 1.14 -8.71 4.82
N ASP B 107 1.80 -8.07 3.85
CA ASP B 107 3.25 -7.96 3.87
C ASP B 107 3.76 -7.04 4.98
N GLY B 108 2.93 -6.10 5.46
CA GLY B 108 3.34 -5.29 6.59
C GLY B 108 3.55 -6.10 7.85
N VAL B 109 2.64 -7.04 8.12
CA VAL B 109 2.75 -7.87 9.30
C VAL B 109 3.85 -8.93 9.12
N VAL B 110 4.08 -9.38 7.89
CA VAL B 110 5.23 -10.24 7.62
C VAL B 110 6.51 -9.54 8.03
N GLY B 111 6.64 -8.27 7.64
CA GLY B 111 7.78 -7.48 8.08
C GLY B 111 7.82 -7.31 9.59
N ALA B 112 6.64 -7.24 10.23
CA ALA B 112 6.61 -7.17 11.69
C ALA B 112 7.14 -8.46 12.32
N CYS B 113 6.90 -9.60 11.67
CA CYS B 113 7.49 -10.85 12.13
C CYS B 113 9.00 -10.84 11.92
N GLU B 114 9.46 -10.26 10.81
CA GLU B 114 10.90 -10.24 10.53
C GLU B 114 11.66 -9.34 11.48
N ASN B 115 11.05 -8.24 11.92
CA ASN B 115 11.70 -7.32 12.83
C ASN B 115 11.67 -7.79 14.28
N GLY B 116 11.10 -8.96 14.54
CA GLY B 116 10.99 -9.46 15.90
C GLY B 116 9.92 -8.80 16.73
N TYR B 117 8.94 -8.14 16.10
CA TYR B 117 7.92 -7.44 16.84
C TYR B 117 6.79 -8.35 17.32
N ILE B 118 6.67 -9.54 16.75
CA ILE B 118 5.54 -10.42 17.00
C ILE B 118 6.04 -11.70 17.66
N LYS B 119 5.52 -12.01 18.84
CA LYS B 119 5.87 -13.28 19.48
C LYS B 119 5.16 -14.45 18.81
N SER B 120 3.85 -14.34 18.63
CA SER B 120 3.04 -15.36 17.97
C SER B 120 1.75 -14.73 17.49
N ILE B 121 1.08 -15.42 16.57
CA ILE B 121 -0.23 -15.00 16.07
C ILE B 121 -1.19 -16.19 16.15
N GLY B 122 -2.37 -15.96 16.72
CA GLY B 122 -3.30 -17.03 17.02
C GLY B 122 -3.87 -17.77 15.82
N GLN B 123 -4.88 -18.59 16.08
CA GLN B 123 -5.53 -19.38 15.05
C GLN B 123 -6.82 -18.71 14.58
N PHE B 124 -7.14 -18.90 13.29
CA PHE B 124 -8.35 -18.33 12.69
C PHE B 124 -8.38 -16.81 12.84
N THR B 125 -7.23 -16.16 12.68
CA THR B 125 -7.11 -14.72 12.80
C THR B 125 -7.00 -14.09 11.42
N SER B 126 -7.81 -13.07 11.17
CA SER B 126 -7.96 -12.42 9.88
C SER B 126 -7.39 -11.02 9.99
N ILE B 127 -6.27 -10.76 9.31
CA ILE B 127 -5.61 -9.47 9.37
C ILE B 127 -5.57 -8.87 7.96
N ASN B 128 -6.15 -7.69 7.80
CA ASN B 128 -6.18 -7.04 6.50
C ASN B 128 -4.77 -6.76 6.00
N GLY B 129 -4.59 -6.81 4.68
CA GLY B 129 -3.28 -6.65 4.09
C GLY B 129 -2.66 -5.29 4.28
N THR B 130 -3.47 -4.26 4.48
CA THR B 130 -2.98 -2.91 4.68
C THR B 130 -2.80 -2.56 6.16
N ALA B 131 -2.91 -3.54 7.04
CA ALA B 131 -2.62 -3.31 8.46
C ALA B 131 -1.11 -3.20 8.67
N GLU B 132 -0.71 -2.36 9.61
CA GLU B 132 0.71 -2.13 9.85
C GLU B 132 1.05 -2.27 11.32
N ILE B 133 2.27 -2.74 11.58
CA ILE B 133 2.83 -2.83 12.93
C ILE B 133 4.26 -2.31 12.93
N HIS B 134 4.45 -1.05 13.29
CA HIS B 134 5.75 -0.43 13.40
CA HIS B 134 5.79 -0.53 13.44
C HIS B 134 5.97 0.06 14.84
N ALA B 135 7.23 0.29 15.20
CA ALA B 135 7.60 0.74 16.53
C ALA B 135 8.00 2.22 16.49
N ASN B 136 8.27 2.77 17.67
CA ASN B 136 8.69 4.16 17.76
C ASN B 136 10.21 4.28 17.74
N HIS B 137 10.70 5.38 17.18
CA HIS B 137 12.09 5.77 17.37
C HIS B 137 12.25 6.40 18.76
N GLN B 138 13.51 6.63 19.15
CA GLN B 138 13.77 7.25 20.44
C GLN B 138 13.25 8.69 20.44
N LEU B 139 12.54 9.07 21.49
CA LEU B 139 11.95 10.40 21.61
C LEU B 139 12.54 11.19 22.78
N ASN B 140 13.56 10.66 23.45
CA ASN B 140 14.21 11.34 24.56
C ASN B 140 15.61 11.80 24.18
N MET B 141 15.83 12.06 22.90
CA MET B 141 17.15 12.38 22.40
C MET B 141 17.10 13.68 21.61
N THR B 142 18.27 14.15 21.18
CA THR B 142 18.32 15.33 20.32
C THR B 142 17.82 15.03 18.92
N PHE B 143 17.90 13.77 18.50
CA PHE B 143 17.54 13.37 17.16
C PHE B 143 16.54 12.22 17.21
N VAL B 144 15.69 12.16 16.19
CA VAL B 144 14.72 11.07 16.06
C VAL B 144 15.13 10.06 14.99
N SER B 145 16.16 10.35 14.20
CA SER B 145 16.57 9.44 13.14
C SER B 145 17.08 8.12 13.70
N ASP B 146 16.88 7.05 12.92
CA ASP B 146 17.50 5.77 13.22
C ASP B 146 18.73 5.52 12.34
N ASP B 147 18.62 5.77 11.03
CA ASP B 147 19.73 5.49 10.14
C ASP B 147 20.90 6.44 10.30
N ILE B 148 20.80 7.45 11.16
CA ILE B 148 21.97 8.25 11.50
C ILE B 148 23.05 7.38 12.12
N GLN B 149 22.65 6.26 12.73
CA GLN B 149 23.61 5.33 13.33
C GLN B 149 24.50 4.71 12.27
N ASN B 150 24.12 4.75 11.00
CA ASN B 150 25.01 4.29 9.94
C ASN B 150 26.27 5.13 9.87
N PHE B 151 26.22 6.37 10.35
CA PHE B 151 27.41 7.21 10.45
C PHE B 151 28.13 7.07 11.79
N PHE B 152 27.54 6.37 12.76
CA PHE B 152 28.18 6.19 14.06
C PHE B 152 29.34 5.23 13.96
N ASN B 153 30.43 5.56 14.66
CA ASN B 153 31.58 4.67 14.71
C ASN B 153 31.31 3.57 15.73
N GLU B 154 32.35 2.83 16.10
CA GLU B 154 32.17 1.73 17.05
C GLU B 154 31.80 2.25 18.44
N GLU B 155 32.45 3.35 18.86
CA GLU B 155 32.23 3.87 20.21
C GLU B 155 30.91 4.62 20.33
N SER B 156 30.59 5.46 19.35
CA SER B 156 29.32 6.19 19.38
C SER B 156 28.13 5.25 19.30
N MET B 157 28.26 4.17 18.52
CA MET B 157 27.22 3.15 18.51
C MET B 157 26.97 2.58 19.90
N ALA B 158 28.02 2.42 20.69
CA ALA B 158 27.89 1.84 22.02
C ALA B 158 27.01 2.69 22.92
N VAL B 159 27.29 4.00 22.97
CA VAL B 159 26.47 4.90 23.78
C VAL B 159 25.05 4.95 23.28
N PHE B 160 24.87 5.01 21.96
CA PHE B 160 23.52 5.08 21.40
C PHE B 160 22.72 3.84 21.77
N GLN B 161 23.30 2.65 21.54
CA GLN B 161 22.62 1.41 21.89
C GLN B 161 22.40 1.29 23.39
N GLU B 162 23.19 2.02 24.19
CA GLU B 162 23.05 1.93 25.64
C GLU B 162 21.82 2.65 26.15
N LYS B 163 21.60 3.89 25.67
CA LYS B 163 20.40 4.61 26.07
C LYS B 163 19.15 3.91 25.56
N LEU B 164 19.25 3.26 24.40
CA LEU B 164 18.09 2.60 23.80
C LEU B 164 17.60 1.46 24.69
N ARG B 165 18.52 0.62 25.18
CA ARG B 165 18.14 -0.45 26.08
C ARG B 165 17.72 0.08 27.45
N LYS B 166 18.13 1.29 27.79
CA LYS B 166 17.75 1.88 29.07
C LYS B 166 16.37 2.53 29.02
N ASP B 167 15.96 2.99 27.83
CA ASP B 167 14.72 3.71 27.63
C ASP B 167 13.51 2.89 28.07
N PRO B 168 12.72 3.37 29.03
CA PRO B 168 11.52 2.61 29.44
C PRO B 168 10.37 2.66 28.46
N LYS B 169 10.42 3.51 27.44
CA LYS B 169 9.35 3.61 26.45
C LYS B 169 9.54 2.65 25.28
N HIS B 170 10.61 1.86 25.27
CA HIS B 170 10.87 0.79 24.32
C HIS B 170 10.96 1.26 22.87
N PRO B 171 11.92 2.12 22.53
CA PRO B 171 12.14 2.44 21.11
C PRO B 171 12.57 1.19 20.36
N TYR B 172 12.04 1.03 19.14
CA TYR B 172 12.30 -0.15 18.31
C TYR B 172 11.98 -1.45 19.05
N ALA B 173 11.03 -1.38 20.00
CA ALA B 173 10.59 -2.54 20.78
C ALA B 173 11.72 -3.10 21.64
N TYR B 174 12.64 -2.25 22.06
CA TYR B 174 13.73 -2.69 22.92
C TYR B 174 13.21 -2.94 24.33
N SER B 175 13.82 -3.94 24.99
CA SER B 175 13.59 -4.21 26.41
C SER B 175 12.11 -4.44 26.73
N LYS B 176 11.35 -4.92 25.75
CA LYS B 176 9.95 -5.25 25.95
C LYS B 176 9.65 -6.60 25.29
N GLU B 177 8.61 -7.26 25.76
CA GLU B 177 8.24 -8.54 25.20
C GLU B 177 7.64 -8.37 23.81
N PRO B 178 7.93 -9.26 22.88
CA PRO B 178 7.26 -9.20 21.58
C PRO B 178 5.76 -9.42 21.71
N MET B 179 5.03 -8.78 20.81
CA MET B 179 3.59 -8.67 20.91
C MET B 179 2.88 -9.99 20.58
N THR B 180 1.86 -10.31 21.35
CA THR B 180 1.05 -11.51 21.14
C THR B 180 -0.27 -11.11 20.46
N ILE B 181 -0.61 -11.82 19.40
CA ILE B 181 -1.89 -11.63 18.71
C ILE B 181 -2.71 -12.90 18.92
N GLY B 182 -3.91 -12.73 19.47
CA GLY B 182 -4.71 -13.86 19.87
C GLY B 182 -5.33 -14.60 18.70
N SER B 183 -6.28 -15.47 19.04
CA SER B 183 -7.03 -16.23 18.06
C SER B 183 -8.39 -15.57 17.82
N ASP B 184 -9.00 -15.92 16.69
CA ASP B 184 -10.29 -15.36 16.30
C ASP B 184 -10.27 -13.84 16.35
N VAL B 185 -9.17 -13.26 15.89
CA VAL B 185 -8.99 -11.81 15.85
C VAL B 185 -9.21 -11.32 14.43
N TYR B 186 -9.87 -10.18 14.30
CA TYR B 186 -10.00 -9.49 13.03
C TYR B 186 -9.35 -8.12 13.13
N ILE B 187 -8.81 -7.65 12.01
CA ILE B 187 -8.14 -6.35 11.95
C ILE B 187 -8.50 -5.70 10.62
N GLY B 188 -9.11 -4.51 10.69
CA GLY B 188 -9.56 -3.86 9.48
C GLY B 188 -8.42 -3.24 8.69
N ALA B 189 -8.77 -2.72 7.51
CA ALA B 189 -7.78 -2.10 6.66
C ALA B 189 -7.25 -0.82 7.29
N HIS B 190 -5.99 -0.50 6.96
CA HIS B 190 -5.31 0.72 7.38
C HIS B 190 -5.11 0.79 8.89
N ALA B 191 -5.31 -0.31 9.61
CA ALA B 191 -5.11 -0.33 11.05
C ALA B 191 -3.63 -0.38 11.39
N PHE B 192 -3.26 0.30 12.48
CA PHE B 192 -1.87 0.38 12.91
C PHE B 192 -1.77 -0.03 14.38
N ILE B 193 -0.79 -0.88 14.69
CA ILE B 193 -0.50 -1.29 16.06
C ILE B 193 0.93 -0.88 16.37
N ASN B 194 1.10 -0.12 17.44
CA ASN B 194 2.41 0.39 17.84
C ASN B 194 3.17 -0.70 18.59
N ALA B 195 4.24 -1.21 17.97
CA ALA B 195 5.02 -2.28 18.58
C ALA B 195 5.83 -1.82 19.79
N SER B 196 5.87 -0.52 20.07
CA SER B 196 6.64 -0.03 21.20
C SER B 196 5.84 -0.07 22.51
N THR B 197 4.51 0.05 22.42
CA THR B 197 3.69 0.17 23.62
C THR B 197 2.61 -0.90 23.72
N VAL B 198 2.52 -1.81 22.76
CA VAL B 198 1.54 -2.88 22.80
C VAL B 198 2.27 -4.21 22.94
N THR B 199 1.72 -5.08 23.76
CA THR B 199 2.24 -6.43 23.92
C THR B 199 1.22 -7.53 23.72
N SER B 200 -0.07 -7.23 23.74
CA SER B 200 -1.07 -8.27 23.57
C SER B 200 -2.27 -7.73 22.81
N ILE B 201 -2.66 -8.46 21.76
CA ILE B 201 -3.95 -8.31 21.14
C ILE B 201 -4.76 -9.52 21.61
N GLY B 202 -5.63 -9.29 22.60
CA GLY B 202 -6.33 -10.40 23.23
C GLY B 202 -7.12 -11.23 22.25
N ASP B 203 -7.41 -12.47 22.65
CA ASP B 203 -8.19 -13.37 21.81
C ASP B 203 -9.53 -12.74 21.47
N GLY B 204 -9.99 -12.98 20.24
CA GLY B 204 -11.28 -12.49 19.83
C GLY B 204 -11.38 -11.00 19.66
N ALA B 205 -10.28 -10.26 19.75
CA ALA B 205 -10.33 -8.81 19.61
C ALA B 205 -10.59 -8.43 18.16
N ILE B 206 -11.22 -7.27 17.97
CA ILE B 206 -11.52 -6.73 16.66
C ILE B 206 -10.98 -5.30 16.60
N ILE B 207 -10.07 -5.05 15.67
CA ILE B 207 -9.53 -3.71 15.46
C ILE B 207 -10.18 -3.15 14.19
N GLY B 208 -11.02 -2.13 14.36
CA GLY B 208 -11.72 -1.56 13.23
C GLY B 208 -10.81 -0.80 12.29
N SER B 209 -11.32 -0.61 11.06
CA SER B 209 -10.52 0.02 10.01
C SER B 209 -10.07 1.42 10.41
N GLY B 210 -8.80 1.70 10.15
CA GLY B 210 -8.23 3.00 10.43
C GLY B 210 -7.88 3.26 11.87
N ALA B 211 -8.02 2.27 12.75
CA ALA B 211 -7.76 2.48 14.17
C ALA B 211 -6.27 2.48 14.45
N VAL B 212 -5.85 3.37 15.35
CA VAL B 212 -4.45 3.51 15.75
C VAL B 212 -4.34 2.96 17.17
N VAL B 213 -3.93 1.71 17.28
CA VAL B 213 -3.90 0.99 18.55
C VAL B 213 -2.58 1.29 19.24
N LEU B 214 -2.66 1.99 20.37
CA LEU B 214 -1.49 2.41 21.11
C LEU B 214 -1.29 1.65 22.42
N GLU B 215 -2.21 0.76 22.79
CA GLU B 215 -2.06 -0.01 24.01
C GLU B 215 -2.80 -1.34 23.86
N ASN B 216 -2.57 -2.22 24.82
CA ASN B 216 -3.08 -3.58 24.76
C ASN B 216 -4.60 -3.58 24.61
N VAL B 217 -5.10 -4.45 23.74
CA VAL B 217 -6.52 -4.60 23.49
C VAL B 217 -7.01 -5.81 24.28
N PRO B 218 -7.96 -5.65 25.20
CA PRO B 218 -8.45 -6.79 25.99
C PRO B 218 -9.03 -7.86 25.08
N PRO B 219 -9.21 -9.08 25.59
CA PRO B 219 -9.85 -10.12 24.78
C PRO B 219 -11.30 -9.79 24.47
N PHE B 220 -11.66 -9.96 23.19
CA PHE B 220 -13.03 -9.82 22.68
C PHE B 220 -13.55 -8.38 22.75
N ALA B 221 -12.66 -7.39 22.77
CA ALA B 221 -13.03 -6.00 22.71
C ALA B 221 -12.94 -5.48 21.29
N VAL B 222 -13.80 -4.52 20.95
CA VAL B 222 -13.84 -3.92 19.63
C VAL B 222 -13.34 -2.49 19.75
N VAL B 223 -12.17 -2.22 19.16
CA VAL B 223 -11.52 -0.93 19.25
C VAL B 223 -11.62 -0.21 17.93
N VAL B 224 -11.82 1.11 17.98
CA VAL B 224 -11.91 1.94 16.78
C VAL B 224 -11.30 3.31 17.06
N GLY B 225 -10.99 4.01 15.98
CA GLY B 225 -10.70 5.43 16.03
C GLY B 225 -9.21 5.76 16.07
N VAL B 226 -8.93 7.05 16.06
CA VAL B 226 -7.56 7.57 16.16
C VAL B 226 -7.51 8.53 17.33
N PRO B 227 -6.96 8.09 18.48
CA PRO B 227 -6.40 6.76 18.75
C PRO B 227 -7.50 5.75 19.04
N ALA B 228 -7.15 4.47 19.05
CA ALA B 228 -8.15 3.42 19.20
C ALA B 228 -8.66 3.36 20.63
N ARG B 229 -9.99 3.35 20.77
CA ARG B 229 -10.64 3.18 22.06
C ARG B 229 -11.71 2.10 21.94
N ILE B 230 -12.09 1.54 23.08
CA ILE B 230 -13.03 0.42 23.09
C ILE B 230 -14.43 0.92 22.71
N LYS B 231 -14.99 0.33 21.65
CA LYS B 231 -16.36 0.62 21.25
C LYS B 231 -17.34 -0.31 21.95
N ARG B 232 -17.09 -1.62 21.88
CA ARG B 232 -17.97 -2.60 22.49
C ARG B 232 -17.19 -3.90 22.68
N TYR B 233 -17.84 -4.84 23.35
CA TYR B 233 -17.33 -6.19 23.50
C TYR B 233 -18.23 -7.16 22.74
N ARG B 234 -17.62 -8.20 22.17
CA ARG B 234 -18.40 -9.11 21.33
C ARG B 234 -19.39 -9.93 22.13
N PHE B 235 -19.07 -10.23 23.38
CA PHE B 235 -19.86 -11.12 24.21
C PHE B 235 -19.82 -10.63 25.65
N SER B 236 -20.71 -11.19 26.47
CA SER B 236 -20.77 -10.82 27.86
C SER B 236 -19.48 -11.21 28.58
N LYS B 237 -19.28 -10.64 29.77
CA LYS B 237 -18.10 -10.95 30.56
C LYS B 237 -18.05 -12.44 30.91
N GLU B 238 -19.19 -13.02 31.25
CA GLU B 238 -19.24 -14.45 31.55
C GLU B 238 -18.89 -15.28 30.31
N MET B 239 -19.25 -14.81 29.11
CA MET B 239 -18.93 -15.60 27.94
C MET B 239 -17.46 -15.50 27.57
N ILE B 240 -16.87 -14.31 27.71
CA ILE B 240 -15.44 -14.16 27.44
C ILE B 240 -14.66 -15.13 28.31
N GLU B 241 -15.07 -15.29 29.58
CA GLU B 241 -14.34 -16.18 30.48
C GLU B 241 -14.52 -17.64 30.09
N THR B 242 -15.69 -18.00 29.60
CA THR B 242 -15.88 -19.36 29.08
C THR B 242 -15.10 -19.57 27.78
N LEU B 243 -15.07 -18.56 26.91
CA LEU B 243 -14.32 -18.69 25.67
C LEU B 243 -12.83 -18.83 25.93
N LEU B 244 -12.33 -18.19 27.00
CA LEU B 244 -10.90 -18.26 27.32
C LEU B 244 -10.52 -19.60 27.92
N ARG B 245 -11.47 -20.34 28.48
CA ARG B 245 -11.18 -21.67 29.01
C ARG B 245 -11.45 -22.77 27.99
N VAL B 246 -12.56 -22.66 27.25
CA VAL B 246 -12.88 -23.66 26.24
C VAL B 246 -11.84 -23.65 25.13
N LYS B 247 -11.51 -22.46 24.62
CA LYS B 247 -10.51 -22.29 23.56
C LYS B 247 -10.87 -23.13 22.34
N TRP B 248 -12.00 -22.79 21.72
CA TRP B 248 -12.46 -23.54 20.56
C TRP B 248 -11.45 -23.47 19.42
N TRP B 249 -10.67 -22.38 19.34
CA TRP B 249 -9.68 -22.23 18.29
C TRP B 249 -8.57 -23.28 18.37
N ASP B 250 -8.47 -24.02 19.47
CA ASP B 250 -7.54 -25.13 19.57
C ASP B 250 -8.18 -26.47 19.25
N TRP B 251 -9.44 -26.48 18.82
CA TRP B 251 -10.14 -27.73 18.54
C TRP B 251 -9.58 -28.41 17.30
N SER B 252 -9.81 -29.73 17.22
CA SER B 252 -9.53 -30.49 16.02
C SER B 252 -10.58 -30.20 14.95
N ILE B 253 -10.25 -30.53 13.70
CA ILE B 253 -11.21 -30.35 12.61
C ILE B 253 -12.48 -31.13 12.88
N GLU B 254 -12.36 -32.30 13.51
CA GLU B 254 -13.55 -33.06 13.90
C GLU B 254 -14.37 -32.29 14.92
N GLU B 255 -13.71 -31.76 15.96
CA GLU B 255 -14.45 -31.03 16.99
C GLU B 255 -15.12 -29.78 16.43
N ILE B 256 -14.49 -29.12 15.47
CA ILE B 256 -15.07 -27.89 14.92
C ILE B 256 -16.38 -28.19 14.21
N ASN B 257 -16.42 -29.25 13.40
CA ASN B 257 -17.65 -29.62 12.72
C ASN B 257 -18.69 -30.11 13.71
N GLU B 258 -18.26 -30.86 14.74
CA GLU B 258 -19.18 -31.39 15.72
C GLU B 258 -19.86 -30.30 16.53
N ASN B 259 -19.30 -29.09 16.58
CA ASN B 259 -19.90 -27.97 17.28
C ASN B 259 -20.15 -26.80 16.35
N VAL B 260 -20.48 -27.07 15.07
CA VAL B 260 -20.77 -25.99 14.14
C VAL B 260 -21.99 -25.21 14.60
N ASP B 261 -22.94 -25.87 15.25
CA ASP B 261 -24.11 -25.17 15.78
C ASP B 261 -23.73 -24.31 16.98
N ALA B 262 -22.76 -24.75 17.78
CA ALA B 262 -22.33 -23.95 18.92
C ALA B 262 -21.46 -22.78 18.50
N LEU B 263 -20.72 -22.93 17.39
CA LEU B 263 -19.92 -21.82 16.88
C LEU B 263 -20.74 -20.79 16.14
N ILE B 264 -21.90 -21.17 15.59
CA ILE B 264 -22.74 -20.25 14.85
C ILE B 264 -23.64 -19.46 15.78
N SER B 265 -24.21 -20.10 16.80
CA SER B 265 -25.10 -19.45 17.74
C SER B 265 -24.40 -19.29 19.07
N PRO B 266 -24.01 -18.08 19.47
CA PRO B 266 -23.43 -17.90 20.81
C PRO B 266 -24.34 -18.41 21.91
N GLU B 267 -25.64 -18.19 21.78
CA GLU B 267 -26.60 -18.71 22.76
C GLU B 267 -26.49 -20.22 22.91
N LEU B 268 -26.30 -20.93 21.80
CA LEU B 268 -26.11 -22.37 21.87
C LEU B 268 -24.74 -22.71 22.45
N PHE B 269 -23.75 -21.83 22.25
CA PHE B 269 -22.43 -22.05 22.83
C PHE B 269 -22.47 -22.02 24.35
N MET B 270 -23.29 -21.14 24.92
CA MET B 270 -23.40 -21.04 26.37
C MET B 270 -24.23 -22.17 26.98
N LYS B 271 -25.34 -22.54 26.32
CA LYS B 271 -26.14 -23.64 26.84
C LYS B 271 -25.39 -24.97 26.83
N LYS B 272 -24.26 -25.04 26.12
CA LYS B 272 -23.45 -26.24 26.06
C LYS B 272 -22.17 -26.14 26.87
N TYR B 273 -21.49 -25.00 26.82
CA TYR B 273 -20.22 -24.83 27.52
C TYR B 273 -20.28 -23.83 28.67
N GLY B 274 -21.41 -23.16 28.87
CA GLY B 274 -21.51 -22.20 29.96
C GLY B 274 -21.32 -22.88 31.31
N SER B 275 -20.66 -22.17 32.21
CA SER B 275 -20.33 -22.74 33.52
C SER B 275 -21.60 -23.01 34.33
N LEU B 276 -21.52 -24.01 35.20
CA LEU B 276 -22.65 -24.43 36.02
C LEU B 276 -23.03 -23.39 37.08
N GLN C 1 16.01 10.71 -22.55
CA GLN C 1 15.13 11.55 -21.73
C GLN C 1 14.95 10.94 -20.34
N GLY C 2 15.48 9.72 -20.16
CA GLY C 2 15.37 9.03 -18.89
C GLY C 2 15.97 9.80 -17.74
N MET C 3 15.19 9.97 -16.67
CA MET C 3 15.66 10.66 -15.48
C MET C 3 16.77 9.87 -14.80
N LYS C 4 17.60 10.57 -14.04
CA LYS C 4 18.75 9.95 -13.40
C LYS C 4 18.30 9.07 -12.24
N THR C 5 18.59 7.78 -12.33
CA THR C 5 18.20 6.83 -11.30
C THR C 5 19.00 7.08 -10.03
N ARG C 6 18.44 6.61 -8.91
CA ARG C 6 19.21 6.56 -7.68
C ARG C 6 20.40 5.63 -7.84
N LEU C 7 20.21 4.50 -8.54
CA LEU C 7 21.31 3.59 -8.81
C LEU C 7 22.40 4.26 -9.62
N GLU C 8 22.03 5.05 -10.63
CA GLU C 8 23.02 5.72 -11.45
C GLU C 8 23.88 6.66 -10.60
N GLN C 9 23.27 7.34 -9.64
CA GLN C 9 24.03 8.25 -8.80
C GLN C 9 24.99 7.52 -7.88
N VAL C 10 24.64 6.31 -7.45
CA VAL C 10 25.56 5.52 -6.64
C VAL C 10 26.71 5.01 -7.49
N LEU C 11 26.39 4.35 -8.61
CA LEU C 11 27.42 3.82 -9.50
C LEU C 11 28.38 4.91 -9.96
N GLU C 12 27.86 6.12 -10.19
CA GLU C 12 28.74 7.23 -10.54
C GLU C 12 29.78 7.52 -9.48
N ARG C 13 29.52 7.13 -8.23
CA ARG C 13 30.40 7.46 -7.11
C ARG C 13 31.15 6.27 -6.53
N TYR C 14 30.68 5.04 -6.76
CA TYR C 14 31.22 3.89 -6.06
C TYR C 14 31.60 2.71 -6.95
N LEU C 15 31.18 2.69 -8.22
CA LEU C 15 31.47 1.54 -9.07
C LEU C 15 32.97 1.28 -9.16
N ASN C 16 33.75 2.33 -9.45
CA ASN C 16 35.21 2.27 -9.37
C ASN C 16 35.78 1.20 -10.31
N GLY C 17 35.41 1.30 -11.58
CA GLY C 17 35.98 0.41 -12.59
C GLY C 17 35.65 -1.05 -12.42
N ARG C 18 34.58 -1.37 -11.71
CA ARG C 18 34.12 -2.74 -11.55
C ARG C 18 32.98 -3.01 -12.52
N GLU C 19 32.60 -4.28 -12.61
CA GLU C 19 31.46 -4.70 -13.42
C GLU C 19 30.26 -4.91 -12.50
N VAL C 20 29.09 -4.45 -12.96
CA VAL C 20 27.87 -4.63 -12.18
C VAL C 20 27.42 -6.08 -12.27
N ALA C 21 27.11 -6.68 -11.13
CA ALA C 21 26.58 -8.04 -11.05
C ALA C 21 25.09 -7.96 -10.73
N VAL C 22 24.26 -8.26 -11.71
CA VAL C 22 22.81 -8.18 -11.53
C VAL C 22 22.33 -9.42 -10.80
N TRP C 23 21.70 -9.21 -9.66
CA TRP C 23 21.15 -10.30 -8.84
C TRP C 23 19.63 -10.26 -8.99
N GLY C 24 19.10 -11.08 -9.90
CA GLY C 24 17.67 -11.21 -10.07
C GLY C 24 17.26 -11.01 -11.52
N VAL C 25 15.95 -11.12 -11.75
CA VAL C 25 15.37 -10.97 -13.08
C VAL C 25 15.50 -9.50 -13.50
N PRO C 26 16.32 -9.20 -14.50
CA PRO C 26 16.52 -7.79 -14.88
C PRO C 26 15.34 -7.24 -15.65
N THR C 27 15.07 -5.95 -15.43
CA THR C 27 13.92 -5.26 -16.02
C THR C 27 14.36 -4.28 -17.10
N ARG C 28 13.37 -3.81 -17.87
CA ARG C 28 13.66 -2.88 -18.96
C ARG C 28 14.26 -1.58 -18.44
N ARG C 29 13.69 -1.04 -17.36
CA ARG C 29 14.23 0.18 -16.78
C ARG C 29 15.62 -0.04 -16.19
N LEU C 30 15.89 -1.24 -15.65
CA LEU C 30 17.22 -1.54 -15.15
C LEU C 30 18.23 -1.60 -16.28
N LEU C 31 17.93 -2.37 -17.32
CA LEU C 31 18.80 -2.44 -18.50
C LEU C 31 19.03 -1.05 -19.08
N ARG C 32 18.01 -0.19 -19.06
CA ARG C 32 18.17 1.16 -19.57
C ARG C 32 19.18 1.94 -18.73
N ALA C 33 19.07 1.84 -17.40
CA ALA C 33 20.00 2.56 -16.53
C ALA C 33 21.40 1.96 -16.58
N LEU C 34 21.52 0.67 -16.88
CA LEU C 34 22.80 -0.02 -16.87
C LEU C 34 23.50 0.01 -18.21
N LYS C 35 22.99 0.79 -19.17
CA LYS C 35 23.61 0.82 -20.49
C LYS C 35 25.06 1.29 -20.47
N PRO C 36 25.42 2.41 -19.83
CA PRO C 36 26.80 2.90 -19.94
C PRO C 36 27.81 2.15 -19.08
N PHE C 37 27.45 1.03 -18.48
CA PHE C 37 28.34 0.26 -17.63
C PHE C 37 28.45 -1.16 -18.14
N LYS C 38 29.51 -1.85 -17.69
CA LYS C 38 29.64 -3.27 -17.92
C LYS C 38 28.89 -4.02 -16.83
N PHE C 39 27.95 -4.87 -17.24
CA PHE C 39 27.13 -5.62 -16.30
C PHE C 39 26.93 -7.04 -16.79
N HIS C 40 26.61 -7.92 -15.85
CA HIS C 40 26.37 -9.32 -16.15
C HIS C 40 25.50 -9.88 -15.04
N THR C 41 24.82 -10.98 -15.35
CA THR C 41 24.00 -11.65 -14.34
C THR C 41 24.91 -12.23 -13.26
N ALA C 42 24.58 -11.97 -12.00
CA ALA C 42 25.45 -12.33 -10.89
C ALA C 42 25.47 -13.84 -10.69
N ASP C 43 26.67 -14.39 -10.51
CA ASP C 43 26.84 -15.78 -10.11
C ASP C 43 27.75 -15.84 -8.90
N ARG C 44 29.05 -15.91 -9.12
CA ARG C 44 30.04 -15.81 -8.06
C ARG C 44 30.60 -14.39 -8.04
N VAL C 45 30.43 -13.69 -6.92
CA VAL C 45 30.71 -12.27 -6.84
C VAL C 45 31.85 -12.01 -5.87
N ASP C 46 32.59 -10.93 -6.13
CA ASP C 46 33.78 -10.52 -5.39
C ASP C 46 33.74 -9.00 -5.34
N PRO C 47 33.81 -8.40 -4.15
CA PRO C 47 33.80 -6.92 -4.07
C PRO C 47 34.99 -6.27 -4.75
N GLN C 48 36.07 -7.01 -5.00
CA GLN C 48 37.17 -6.45 -5.77
C GLN C 48 36.78 -6.24 -7.23
N TYR C 49 35.95 -7.13 -7.78
CA TYR C 49 35.63 -7.13 -9.20
C TYR C 49 34.21 -6.72 -9.52
N HIS C 50 33.27 -6.87 -8.60
CA HIS C 50 31.87 -6.69 -8.91
C HIS C 50 31.17 -5.78 -7.91
N TYR C 51 30.17 -5.06 -8.41
CA TYR C 51 29.20 -4.33 -7.59
C TYR C 51 27.84 -4.98 -7.79
N VAL C 52 27.27 -5.49 -6.70
CA VAL C 52 26.01 -6.23 -6.77
C VAL C 52 24.84 -5.28 -6.84
N VAL C 53 23.94 -5.52 -7.78
CA VAL C 53 22.70 -4.76 -7.91
C VAL C 53 21.55 -5.76 -7.86
N ALA C 54 20.82 -5.75 -6.75
CA ALA C 54 19.62 -6.57 -6.63
C ALA C 54 18.45 -5.80 -7.23
N VAL C 55 17.73 -6.44 -8.16
CA VAL C 55 16.66 -5.74 -8.86
C VAL C 55 15.54 -5.37 -7.89
N THR C 56 14.92 -6.37 -7.28
CA THR C 56 13.82 -6.17 -6.35
C THR C 56 14.30 -6.34 -4.91
N ASP C 57 13.52 -5.78 -3.98
CA ASP C 57 13.83 -5.98 -2.57
C ASP C 57 13.83 -7.47 -2.21
N ASP C 58 12.97 -8.25 -2.86
CA ASP C 58 13.02 -9.71 -2.72
C ASP C 58 14.37 -10.25 -3.17
N ASP C 59 14.97 -9.65 -4.20
CA ASP C 59 16.29 -10.10 -4.66
C ASP C 59 17.36 -9.73 -3.65
N LEU C 60 17.23 -8.57 -3.01
CA LEU C 60 18.19 -8.19 -1.97
C LEU C 60 18.09 -9.12 -0.78
N THR C 61 16.87 -9.47 -0.37
CA THR C 61 16.67 -10.45 0.70
C THR C 61 17.41 -11.74 0.38
N ASP C 62 17.38 -12.16 -0.89
CA ASP C 62 18.09 -13.36 -1.29
C ASP C 62 19.60 -13.14 -1.26
N PHE C 63 20.06 -11.97 -1.68
CA PHE C 63 21.50 -11.72 -1.73
C PHE C 63 22.10 -11.67 -0.34
N LEU C 64 21.42 -10.98 0.59
CA LEU C 64 21.94 -10.80 1.93
C LEU C 64 21.88 -12.07 2.78
N SER C 65 21.21 -13.11 2.28
CA SER C 65 21.25 -14.42 2.90
C SER C 65 22.40 -15.27 2.37
N ASP C 66 22.94 -14.92 1.21
CA ASP C 66 24.03 -15.68 0.60
C ASP C 66 25.35 -15.39 1.31
N GLU C 67 26.23 -16.39 1.30
CA GLU C 67 27.52 -16.26 1.98
C GLU C 67 28.40 -15.22 1.32
N GLN C 68 28.33 -15.08 0.00
CA GLN C 68 29.21 -14.15 -0.70
C GLN C 68 28.94 -12.70 -0.33
N SER C 69 27.75 -12.39 0.20
CA SER C 69 27.37 -11.01 0.48
C SER C 69 28.09 -10.42 1.69
N LYS C 70 28.72 -11.25 2.51
CA LYS C 70 29.31 -10.75 3.75
C LYS C 70 30.46 -9.78 3.49
N SER C 71 31.09 -9.85 2.32
CA SER C 71 32.17 -8.95 1.96
C SER C 71 31.69 -7.67 1.31
N PHE C 72 30.38 -7.48 1.16
CA PHE C 72 29.81 -6.35 0.43
C PHE C 72 29.19 -5.36 1.39
N GLN C 73 29.64 -4.11 1.33
CA GLN C 73 29.12 -3.03 2.15
C GLN C 73 27.93 -2.37 1.47
N TYR C 74 27.00 -1.88 2.29
CA TYR C 74 25.84 -1.17 1.76
C TYR C 74 26.27 0.09 1.03
N ALA C 75 25.67 0.32 -0.15
CA ALA C 75 25.96 1.43 -1.03
C ALA C 75 27.36 1.31 -1.65
N ASN C 76 28.37 1.03 -0.82
CA ASN C 76 29.74 1.00 -1.31
C ASN C 76 29.96 -0.14 -2.29
N ASP C 77 29.32 -1.29 -2.06
CA ASP C 77 29.49 -2.46 -2.92
C ASP C 77 28.19 -3.09 -3.38
N TYR C 78 27.04 -2.69 -2.84
CA TYR C 78 25.78 -3.26 -3.31
C TYR C 78 24.64 -2.27 -3.07
N LEU C 79 23.54 -2.49 -3.78
CA LEU C 79 22.41 -1.58 -3.77
C LEU C 79 21.23 -2.27 -4.44
N THR C 80 20.03 -1.80 -4.12
CA THR C 80 18.80 -2.30 -4.71
C THR C 80 18.28 -1.31 -5.75
N PHE C 81 17.81 -1.83 -6.89
CA PHE C 81 17.33 -0.95 -7.95
C PHE C 81 15.94 -0.41 -7.63
N ASP C 82 14.99 -1.29 -7.33
CA ASP C 82 13.60 -0.91 -7.13
C ASP C 82 13.34 -0.16 -5.82
N ASP C 83 14.29 0.67 -5.38
CA ASP C 83 14.19 1.38 -4.10
C ASP C 83 14.64 2.83 -4.30
N GLU C 84 13.81 3.60 -5.04
CA GLU C 84 14.17 4.98 -5.32
C GLU C 84 14.20 5.83 -4.06
N GLY C 85 13.46 5.43 -3.03
CA GLY C 85 13.39 6.13 -1.76
C GLY C 85 14.35 5.65 -0.69
N GLY C 86 15.25 4.73 -1.01
CA GLY C 86 16.17 4.22 -0.01
C GLY C 86 17.21 5.23 0.40
N GLU C 87 17.71 5.09 1.62
CA GLU C 87 18.69 6.01 2.16
C GLU C 87 20.05 5.81 1.49
N LEU C 88 20.91 6.81 1.63
CA LEU C 88 22.26 6.79 1.09
C LEU C 88 23.20 7.52 2.04
N PRO C 89 24.49 7.19 2.03
CA PRO C 89 25.46 7.92 2.85
C PRO C 89 25.83 9.30 2.31
N PHE C 90 25.35 9.70 1.14
CA PHE C 90 25.62 11.02 0.59
C PHE C 90 24.31 11.67 0.17
N GLU C 91 24.39 12.98 -0.12
CA GLU C 91 23.22 13.71 -0.57
C GLU C 91 22.94 13.38 -2.03
N ARG C 92 21.71 12.97 -2.31
CA ARG C 92 21.30 12.51 -3.62
C ARG C 92 20.16 13.38 -4.15
N MET C 93 19.74 13.06 -5.37
CA MET C 93 18.55 13.64 -5.98
C MET C 93 17.54 12.53 -6.21
N CYS C 94 16.28 12.84 -5.96
CA CYS C 94 15.17 11.96 -6.32
C CYS C 94 14.39 12.67 -7.40
N PHE C 95 14.43 12.12 -8.62
CA PHE C 95 14.10 12.88 -9.82
C PHE C 95 14.95 14.14 -9.81
N ASN C 96 14.37 15.29 -9.55
CA ASN C 96 15.17 16.47 -9.22
C ASN C 96 14.70 17.09 -7.92
N VAL C 97 14.60 16.26 -6.89
CA VAL C 97 14.33 16.71 -5.53
C VAL C 97 15.55 16.38 -4.69
N PRO C 98 16.25 17.37 -4.14
CA PRO C 98 17.44 17.06 -3.32
C PRO C 98 17.05 16.37 -2.03
N VAL C 99 17.74 15.28 -1.72
CA VAL C 99 17.45 14.49 -0.54
C VAL C 99 18.74 14.29 0.24
N GLY C 100 18.69 14.52 1.55
CA GLY C 100 19.87 14.50 2.39
C GLY C 100 20.31 13.11 2.79
N ARG C 101 21.40 13.06 3.56
CA ARG C 101 22.00 11.80 3.94
C ARG C 101 21.13 11.05 4.94
N GLN C 102 21.16 9.72 4.84
CA GLN C 102 20.43 8.82 5.74
C GLN C 102 18.96 9.20 5.84
N THR C 103 18.38 9.56 4.71
CA THR C 103 16.96 9.92 4.62
C THR C 103 16.29 8.94 3.67
N TYR C 104 15.24 8.29 4.14
CA TYR C 104 14.56 7.27 3.36
C TYR C 104 13.07 7.57 3.34
N PHE C 105 12.41 7.01 2.34
CA PHE C 105 10.97 7.20 2.19
C PHE C 105 10.45 6.19 1.18
N GLY C 106 9.14 6.18 1.00
CA GLY C 106 8.47 5.16 0.23
C GLY C 106 8.10 5.62 -1.17
N ASP C 107 7.22 4.85 -1.80
CA ASP C 107 6.86 5.09 -3.20
C ASP C 107 5.83 6.20 -3.36
N GLY C 108 4.98 6.41 -2.35
CA GLY C 108 4.00 7.48 -2.45
C GLY C 108 4.66 8.85 -2.57
N VAL C 109 5.74 9.07 -1.83
CA VAL C 109 6.43 10.35 -1.88
C VAL C 109 7.47 10.40 -2.99
N VAL C 110 7.96 9.24 -3.45
CA VAL C 110 8.75 9.22 -4.68
C VAL C 110 7.91 9.80 -5.82
N GLY C 111 6.66 9.36 -5.93
CA GLY C 111 5.77 9.97 -6.89
C GLY C 111 5.52 11.43 -6.61
N ALA C 112 5.42 11.80 -5.32
CA ALA C 112 5.27 13.20 -4.97
C ALA C 112 6.48 14.01 -5.41
N CYS C 113 7.67 13.41 -5.35
CA CYS C 113 8.84 14.07 -5.93
C CYS C 113 8.69 14.20 -7.43
N GLU C 114 8.14 13.18 -8.09
CA GLU C 114 7.96 13.24 -9.54
C GLU C 114 6.92 14.28 -9.94
N ASN C 115 5.89 14.44 -9.13
CA ASN C 115 4.82 15.38 -9.44
C ASN C 115 5.22 16.84 -9.21
N GLY C 116 6.44 17.10 -8.76
CA GLY C 116 6.84 18.45 -8.40
C GLY C 116 6.22 18.96 -7.13
N TYR C 117 5.80 18.06 -6.24
CA TYR C 117 5.14 18.49 -5.01
C TYR C 117 6.13 18.89 -3.94
N ILE C 118 7.34 18.33 -3.96
CA ILE C 118 8.33 18.53 -2.91
C ILE C 118 9.49 19.34 -3.47
N LYS C 119 9.89 20.39 -2.74
CA LYS C 119 11.05 21.18 -3.12
C LYS C 119 12.35 20.47 -2.74
N SER C 120 12.41 19.90 -1.54
CA SER C 120 13.60 19.19 -1.06
C SER C 120 13.25 18.48 0.24
N ILE C 121 14.03 17.46 0.55
CA ILE C 121 13.91 16.70 1.79
C ILE C 121 15.25 16.74 2.51
N GLY C 122 15.21 17.01 3.82
CA GLY C 122 16.42 17.23 4.60
C GLY C 122 17.23 15.99 4.91
N GLN C 123 18.13 16.08 5.89
CA GLN C 123 19.00 14.99 6.28
C GLN C 123 18.41 14.23 7.47
N PHE C 124 18.74 12.93 7.56
CA PHE C 124 18.38 12.08 8.70
C PHE C 124 16.87 12.07 8.95
N THR C 125 16.10 11.99 7.86
CA THR C 125 14.65 12.03 7.92
C THR C 125 14.11 10.62 7.65
N SER C 126 13.17 10.18 8.48
CA SER C 126 12.63 8.82 8.42
C SER C 126 11.15 8.91 8.08
N ILE C 127 10.78 8.46 6.88
CA ILE C 127 9.43 8.57 6.36
C ILE C 127 8.92 7.16 6.11
N ASN C 128 7.81 6.81 6.75
CA ASN C 128 7.24 5.47 6.57
C ASN C 128 6.81 5.28 5.13
N GLY C 129 7.05 4.07 4.61
CA GLY C 129 6.81 3.82 3.21
C GLY C 129 5.35 4.00 2.81
N THR C 130 4.44 3.81 3.75
CA THR C 130 3.02 3.92 3.46
C THR C 130 2.49 5.34 3.57
N ALA C 131 3.35 6.31 3.87
CA ALA C 131 2.94 7.71 3.85
C ALA C 131 2.64 8.17 2.44
N GLU C 132 1.71 9.12 2.33
CA GLU C 132 1.22 9.59 1.05
C GLU C 132 1.14 11.12 1.03
N ILE C 133 1.44 11.70 -0.13
CA ILE C 133 1.41 13.13 -0.33
C ILE C 133 0.78 13.45 -1.68
N HIS C 134 -0.49 13.81 -1.66
CA HIS C 134 -1.26 14.14 -2.85
CA HIS C 134 -1.17 14.17 -2.89
C HIS C 134 -1.83 15.53 -2.73
N ALA C 135 -2.18 16.13 -3.87
CA ALA C 135 -2.74 17.46 -3.93
C ALA C 135 -4.26 17.40 -4.00
N ASN C 136 -4.89 18.57 -3.98
CA ASN C 136 -6.33 18.69 -4.20
C ASN C 136 -6.61 19.01 -5.65
N HIS C 137 -7.72 18.49 -6.15
CA HIS C 137 -8.27 18.93 -7.42
C HIS C 137 -8.99 20.27 -7.22
N GLN C 138 -9.39 20.88 -8.34
CA GLN C 138 -10.12 22.14 -8.27
C GLN C 138 -11.43 21.95 -7.50
N LEU C 139 -11.74 22.91 -6.63
CA LEU C 139 -12.95 22.88 -5.83
C LEU C 139 -13.88 24.04 -6.14
N ASN C 140 -13.67 24.74 -7.25
CA ASN C 140 -14.45 25.93 -7.58
C ASN C 140 -15.09 25.82 -8.96
N MET C 141 -15.25 24.62 -9.49
CA MET C 141 -15.79 24.38 -10.82
C MET C 141 -17.04 23.51 -10.69
N THR C 142 -17.71 23.28 -11.83
CA THR C 142 -18.84 22.37 -11.82
C THR C 142 -18.42 20.93 -11.69
N PHE C 143 -17.18 20.61 -12.03
CA PHE C 143 -16.67 19.25 -11.94
C PHE C 143 -15.45 19.22 -11.02
N VAL C 144 -15.31 18.09 -10.31
CA VAL C 144 -14.12 17.84 -9.50
C VAL C 144 -13.11 16.96 -10.23
N SER C 145 -13.51 16.33 -11.32
CA SER C 145 -12.64 15.45 -12.08
C SER C 145 -11.37 16.18 -12.50
N ASP C 146 -10.31 15.39 -12.72
CA ASP C 146 -9.10 15.89 -13.33
C ASP C 146 -8.90 15.36 -14.74
N ASP C 147 -9.27 14.11 -15.00
CA ASP C 147 -9.00 13.51 -16.30
C ASP C 147 -10.06 13.82 -17.34
N ILE C 148 -11.03 14.69 -17.02
CA ILE C 148 -11.93 15.17 -18.06
C ILE C 148 -11.16 15.99 -19.08
N GLN C 149 -10.01 16.53 -18.71
CA GLN C 149 -9.23 17.35 -19.63
C GLN C 149 -8.77 16.55 -20.84
N ASN C 150 -8.61 15.23 -20.68
CA ASN C 150 -8.26 14.37 -21.82
C ASN C 150 -9.24 14.53 -22.97
N PHE C 151 -10.49 14.93 -22.67
CA PHE C 151 -11.48 15.22 -23.70
C PHE C 151 -11.48 16.68 -24.15
N PHE C 152 -10.78 17.55 -23.44
CA PHE C 152 -10.75 18.97 -23.82
C PHE C 152 -9.91 19.18 -25.07
N ASN C 153 -10.40 20.03 -25.97
CA ASN C 153 -9.60 20.43 -27.12
C ASN C 153 -8.70 21.58 -26.72
N GLU C 154 -7.97 22.11 -27.71
CA GLU C 154 -7.00 23.16 -27.42
C GLU C 154 -7.69 24.37 -26.78
N GLU C 155 -8.88 24.72 -27.28
CA GLU C 155 -9.58 25.89 -26.76
C GLU C 155 -10.16 25.62 -25.36
N SER C 156 -10.76 24.45 -25.17
CA SER C 156 -11.33 24.15 -23.86
C SER C 156 -10.24 23.99 -22.79
N MET C 157 -9.04 23.56 -23.19
CA MET C 157 -7.97 23.38 -22.21
C MET C 157 -7.35 24.70 -21.81
N ALA C 158 -7.25 25.66 -22.73
CA ALA C 158 -6.69 26.97 -22.40
C ALA C 158 -7.51 27.65 -21.32
N VAL C 159 -8.83 27.53 -21.38
CA VAL C 159 -9.69 28.18 -20.39
C VAL C 159 -9.79 27.37 -19.10
N PHE C 160 -9.54 26.06 -19.16
CA PHE C 160 -9.50 25.26 -17.94
C PHE C 160 -8.22 25.54 -17.16
N GLN C 161 -7.08 25.51 -17.85
CA GLN C 161 -5.80 25.72 -17.17
C GLN C 161 -5.67 27.15 -16.64
N GLU C 162 -6.28 28.13 -17.33
CA GLU C 162 -6.18 29.52 -16.89
C GLU C 162 -6.83 29.72 -15.53
N LYS C 163 -7.97 29.08 -15.29
CA LYS C 163 -8.63 29.23 -14.00
C LYS C 163 -7.83 28.54 -12.89
N LEU C 164 -7.24 27.38 -13.18
CA LEU C 164 -6.44 26.68 -12.18
C LEU C 164 -5.24 27.51 -11.74
N ARG C 165 -4.58 28.17 -12.69
CA ARG C 165 -3.42 29.00 -12.40
C ARG C 165 -3.78 30.20 -11.53
N LYS C 166 -5.07 30.52 -11.43
CA LYS C 166 -5.55 31.65 -10.65
C LYS C 166 -6.19 31.24 -9.33
N ASP C 167 -6.61 29.99 -9.21
CA ASP C 167 -7.20 29.45 -7.98
C ASP C 167 -6.26 29.67 -6.79
N PRO C 168 -6.66 30.49 -5.81
CA PRO C 168 -5.78 30.73 -4.64
C PRO C 168 -5.67 29.55 -3.70
N LYS C 169 -6.43 28.48 -3.89
CA LYS C 169 -6.31 27.27 -3.08
C LYS C 169 -5.38 26.24 -3.68
N HIS C 170 -4.68 26.59 -4.76
CA HIS C 170 -3.58 25.79 -5.31
C HIS C 170 -3.97 24.36 -5.67
N PRO C 171 -4.93 24.15 -6.57
CA PRO C 171 -5.21 22.78 -7.03
C PRO C 171 -4.05 22.25 -7.85
N TYR C 172 -3.73 20.97 -7.63
CA TYR C 172 -2.58 20.31 -8.26
C TYR C 172 -1.28 21.05 -7.95
N ALA C 173 -1.23 21.69 -6.78
CA ALA C 173 -0.07 22.45 -6.31
C ALA C 173 0.26 23.63 -7.20
N TYR C 174 -0.75 24.17 -7.90
CA TYR C 174 -0.53 25.28 -8.80
C TYR C 174 -0.23 26.55 -8.02
N SER C 175 0.55 27.44 -8.65
CA SER C 175 0.85 28.78 -8.14
C SER C 175 1.22 28.77 -6.65
N LYS C 176 1.84 27.69 -6.18
CA LYS C 176 2.30 27.61 -4.81
C LYS C 176 3.72 27.05 -4.80
N GLU C 177 4.47 27.44 -3.78
CA GLU C 177 5.83 26.94 -3.65
C GLU C 177 5.82 25.46 -3.28
N PRO C 178 6.65 24.64 -3.91
CA PRO C 178 6.73 23.23 -3.50
C PRO C 178 7.22 23.12 -2.06
N MET C 179 6.73 22.09 -1.38
CA MET C 179 6.94 21.97 0.05
C MET C 179 8.32 21.42 0.37
N THR C 180 8.91 21.91 1.46
CA THR C 180 10.20 21.46 1.93
C THR C 180 10.00 20.64 3.19
N ILE C 181 10.55 19.44 3.21
CA ILE C 181 10.52 18.56 4.37
C ILE C 181 11.89 18.66 5.04
N GLY C 182 11.92 19.18 6.25
CA GLY C 182 13.16 19.49 6.94
C GLY C 182 13.93 18.25 7.38
N SER C 183 14.99 18.51 8.14
CA SER C 183 15.87 17.46 8.61
C SER C 183 15.43 16.93 9.96
N ASP C 184 15.78 15.67 10.23
CA ASP C 184 15.42 15.01 11.48
C ASP C 184 13.91 14.92 11.64
N VAL C 185 13.22 14.57 10.55
CA VAL C 185 11.78 14.45 10.53
C VAL C 185 11.40 12.98 10.61
N TYR C 186 10.33 12.68 11.35
CA TYR C 186 9.76 11.35 11.43
C TYR C 186 8.29 11.42 11.02
N ILE C 187 7.91 10.60 10.04
CA ILE C 187 6.54 10.52 9.55
C ILE C 187 6.04 9.10 9.75
N GLY C 188 4.90 8.97 10.43
CA GLY C 188 4.37 7.68 10.81
C GLY C 188 3.68 6.94 9.67
N ALA C 189 3.02 5.84 10.04
CA ALA C 189 2.35 5.01 9.04
C ALA C 189 0.98 5.55 8.72
N HIS C 190 0.64 5.51 7.42
CA HIS C 190 -0.66 5.95 6.90
C HIS C 190 -0.86 7.45 7.06
N ALA C 191 0.22 8.22 7.14
CA ALA C 191 0.12 9.66 7.23
C ALA C 191 -0.11 10.26 5.84
N PHE C 192 -0.81 11.39 5.82
CA PHE C 192 -1.08 12.11 4.58
C PHE C 192 -0.80 13.59 4.78
N ILE C 193 -0.08 14.18 3.82
CA ILE C 193 0.21 15.60 3.80
C ILE C 193 -0.41 16.18 2.54
N ASN C 194 -1.33 17.12 2.70
CA ASN C 194 -1.96 17.76 1.54
C ASN C 194 -0.94 18.65 0.84
N ALA C 195 -0.63 18.31 -0.41
CA ALA C 195 0.33 19.09 -1.18
C ALA C 195 -0.24 20.38 -1.73
N SER C 196 -1.56 20.59 -1.63
CA SER C 196 -2.14 21.83 -2.07
C SER C 196 -2.03 22.92 -1.02
N THR C 197 -1.96 22.55 0.27
CA THR C 197 -2.06 23.51 1.36
C THR C 197 -0.85 23.54 2.26
N VAL C 198 0.13 22.68 2.06
CA VAL C 198 1.29 22.58 2.94
C VAL C 198 2.54 22.91 2.14
N THR C 199 3.34 23.83 2.64
CA THR C 199 4.62 24.14 2.03
C THR C 199 5.81 23.87 2.93
N SER C 200 5.61 23.56 4.20
CA SER C 200 6.73 23.43 5.11
C SER C 200 6.43 22.40 6.19
N ILE C 201 7.21 21.33 6.20
CA ILE C 201 7.32 20.44 7.35
C ILE C 201 8.61 20.80 8.05
N GLY C 202 8.51 21.46 9.21
CA GLY C 202 9.69 22.00 9.85
C GLY C 202 10.73 20.95 10.19
N ASP C 203 11.93 21.44 10.49
CA ASP C 203 12.99 20.56 10.99
C ASP C 203 12.54 19.92 12.30
N GLY C 204 12.76 18.62 12.43
CA GLY C 204 12.46 17.93 13.65
C GLY C 204 11.00 17.63 13.89
N ALA C 205 10.12 17.95 12.96
CA ALA C 205 8.69 17.68 13.16
C ALA C 205 8.41 16.19 13.13
N ILE C 206 7.54 15.74 14.04
CA ILE C 206 7.17 14.33 14.14
C ILE C 206 5.69 14.22 13.82
N ILE C 207 5.37 13.56 12.72
CA ILE C 207 3.99 13.34 12.29
C ILE C 207 3.57 11.93 12.73
N GLY C 208 2.54 11.85 13.56
CA GLY C 208 2.14 10.59 14.11
C GLY C 208 1.49 9.68 13.08
N SER C 209 1.31 8.42 13.48
CA SER C 209 0.66 7.44 12.61
C SER C 209 -0.79 7.85 12.35
N GLY C 210 -1.20 7.71 11.09
CA GLY C 210 -2.56 8.01 10.71
C GLY C 210 -2.93 9.47 10.72
N ALA C 211 -1.94 10.37 10.76
CA ALA C 211 -2.20 11.80 10.87
C ALA C 211 -2.43 12.42 9.50
N VAL C 212 -3.44 13.28 9.41
CA VAL C 212 -3.78 13.98 8.17
C VAL C 212 -3.40 15.44 8.34
N VAL C 213 -2.36 15.86 7.62
CA VAL C 213 -1.72 17.16 7.81
C VAL C 213 -2.21 18.10 6.71
N LEU C 214 -3.00 19.12 7.10
CA LEU C 214 -3.55 20.07 6.15
C LEU C 214 -2.86 21.43 6.17
N GLU C 215 -1.96 21.67 7.12
CA GLU C 215 -1.29 22.96 7.27
C GLU C 215 0.20 22.72 7.47
N ASN C 216 0.95 23.80 7.54
CA ASN C 216 2.37 23.68 7.85
C ASN C 216 2.58 23.17 9.27
N VAL C 217 3.65 22.41 9.46
CA VAL C 217 4.04 21.91 10.76
C VAL C 217 5.22 22.76 11.25
N PRO C 218 5.15 23.34 12.45
CA PRO C 218 6.27 24.11 12.98
C PRO C 218 7.45 23.19 13.27
N PRO C 219 8.66 23.74 13.37
CA PRO C 219 9.83 22.91 13.64
C PRO C 219 9.74 22.24 15.00
N PHE C 220 10.05 20.94 15.03
CA PHE C 220 10.09 20.13 16.25
C PHE C 220 8.72 20.03 16.92
N ALA C 221 7.66 20.16 16.13
CA ALA C 221 6.30 19.97 16.61
C ALA C 221 5.86 18.54 16.35
N VAL C 222 5.10 17.98 17.29
CA VAL C 222 4.56 16.63 17.18
C VAL C 222 3.07 16.74 16.91
N VAL C 223 2.63 16.27 15.74
CA VAL C 223 1.25 16.39 15.31
C VAL C 223 0.65 15.01 15.17
N VAL C 224 -0.59 14.85 15.65
CA VAL C 224 -1.33 13.60 15.56
C VAL C 224 -2.79 13.92 15.28
N GLY C 225 -3.53 12.91 14.85
CA GLY C 225 -4.98 13.00 14.73
C GLY C 225 -5.43 13.23 13.30
N VAL C 226 -6.75 13.13 13.11
CA VAL C 226 -7.38 13.42 11.83
C VAL C 226 -8.44 14.50 12.03
N PRO C 227 -8.15 15.79 11.71
CA PRO C 227 -6.91 16.32 11.14
C PRO C 227 -5.80 16.47 12.17
N ALA C 228 -4.56 16.60 11.72
CA ALA C 228 -3.42 16.64 12.63
C ALA C 228 -3.46 17.90 13.51
N ARG C 229 -3.10 17.71 14.77
CA ARG C 229 -3.05 18.78 15.76
C ARG C 229 -1.74 18.68 16.53
N ILE C 230 -1.21 19.83 16.94
CA ILE C 230 0.04 19.87 17.69
C ILE C 230 -0.22 19.34 19.09
N LYS C 231 0.32 18.16 19.40
CA LYS C 231 0.16 17.58 20.72
C LYS C 231 1.26 18.04 21.67
N ARG C 232 2.48 18.18 21.17
CA ARG C 232 3.60 18.63 22.00
C ARG C 232 4.71 19.11 21.08
N TYR C 233 5.69 19.78 21.67
CA TYR C 233 6.94 20.10 20.99
C TYR C 233 8.05 19.25 21.58
N ARG C 234 9.03 18.91 20.74
CA ARG C 234 10.07 17.99 21.15
C ARG C 234 10.98 18.61 22.22
N PHE C 235 11.30 19.88 22.08
CA PHE C 235 12.18 20.58 22.99
C PHE C 235 11.58 21.95 23.33
N SER C 236 12.25 22.66 24.24
CA SER C 236 11.86 24.01 24.58
C SER C 236 12.02 24.92 23.36
N LYS C 237 11.45 26.12 23.46
CA LYS C 237 11.56 27.07 22.37
C LYS C 237 12.95 27.69 22.29
N GLU C 238 13.74 27.63 23.36
CA GLU C 238 15.11 28.11 23.31
C GLU C 238 16.03 27.09 22.66
N MET C 239 15.79 25.80 22.88
CA MET C 239 16.56 24.79 22.17
C MET C 239 16.10 24.66 20.72
N ILE C 240 14.82 24.97 20.44
CA ILE C 240 14.32 24.85 19.08
C ILE C 240 15.07 25.81 18.16
N GLU C 241 15.25 27.05 18.59
CA GLU C 241 15.99 28.00 17.78
C GLU C 241 17.49 27.74 17.81
N THR C 242 18.03 27.28 18.95
CA THR C 242 19.43 26.90 19.00
C THR C 242 19.71 25.75 18.06
N LEU C 243 18.79 24.78 17.98
CA LEU C 243 18.92 23.70 17.01
C LEU C 243 18.91 24.24 15.58
N LEU C 244 18.05 25.23 15.33
CA LEU C 244 17.95 25.80 13.98
C LEU C 244 19.17 26.61 13.60
N ARG C 245 20.01 26.97 14.56
CA ARG C 245 21.27 27.67 14.32
C ARG C 245 22.47 26.75 14.32
N VAL C 246 22.54 25.80 15.26
CA VAL C 246 23.65 24.87 15.31
C VAL C 246 23.61 23.93 14.12
N LYS C 247 22.43 23.37 13.83
CA LYS C 247 22.20 22.54 12.66
C LYS C 247 23.15 21.35 12.63
N TRP C 248 22.93 20.45 13.58
CA TRP C 248 23.74 19.25 13.66
C TRP C 248 23.57 18.37 12.44
N TRP C 249 22.39 18.41 11.81
CA TRP C 249 22.13 17.53 10.68
C TRP C 249 23.02 17.81 9.48
N ASP C 250 23.80 18.89 9.51
CA ASP C 250 24.74 19.18 8.44
C ASP C 250 26.18 18.93 8.84
N TRP C 251 26.41 18.35 10.03
CA TRP C 251 27.76 18.07 10.46
C TRP C 251 28.43 17.05 9.54
N SER C 252 29.74 16.93 9.68
CA SER C 252 30.46 15.84 9.04
C SER C 252 30.29 14.56 9.86
N ILE C 253 30.70 13.44 9.27
CA ILE C 253 30.68 12.18 10.01
C ILE C 253 31.63 12.25 11.21
N GLU C 254 32.75 12.96 11.05
CA GLU C 254 33.68 13.12 12.17
C GLU C 254 33.11 14.01 13.26
N GLU C 255 32.31 15.01 12.88
CA GLU C 255 31.68 15.87 13.87
C GLU C 255 30.53 15.17 14.58
N ILE C 256 29.76 14.37 13.83
CA ILE C 256 28.69 13.59 14.45
C ILE C 256 29.25 12.69 15.54
N ASN C 257 30.35 12.01 15.25
CA ASN C 257 30.95 11.11 16.24
C ASN C 257 31.54 11.90 17.40
N GLU C 258 32.09 13.08 17.11
CA GLU C 258 32.70 13.89 18.17
C GLU C 258 31.67 14.52 19.09
N ASN C 259 30.40 14.59 18.68
CA ASN C 259 29.35 15.14 19.52
C ASN C 259 28.25 14.12 19.80
N VAL C 260 28.61 12.84 19.93
CA VAL C 260 27.60 11.80 20.10
C VAL C 260 26.83 12.03 21.40
N ASP C 261 27.55 12.38 22.47
CA ASP C 261 26.89 12.59 23.76
C ASP C 261 25.95 13.77 23.73
N ALA C 262 26.21 14.77 22.89
CA ALA C 262 25.29 15.89 22.76
C ALA C 262 24.05 15.49 21.97
N LEU C 263 24.22 14.62 20.97
CA LEU C 263 23.07 14.13 20.23
C LEU C 263 22.26 13.13 21.05
N ILE C 264 22.92 12.40 21.96
CA ILE C 264 22.21 11.44 22.78
C ILE C 264 21.48 12.12 23.94
N SER C 265 22.03 13.21 24.47
CA SER C 265 21.44 13.87 25.62
C SER C 265 21.05 15.30 25.25
N PRO C 266 19.77 15.62 25.15
CA PRO C 266 19.39 17.01 24.84
C PRO C 266 19.81 17.99 25.92
N GLU C 267 19.83 17.56 27.19
CA GLU C 267 20.29 18.43 28.26
C GLU C 267 21.75 18.84 28.04
N LEU C 268 22.61 17.86 27.74
CA LEU C 268 24.01 18.15 27.45
C LEU C 268 24.14 18.95 26.16
N PHE C 269 23.23 18.76 25.20
CA PHE C 269 23.23 19.58 24.00
C PHE C 269 23.08 21.05 24.34
N MET C 270 22.24 21.36 25.32
CA MET C 270 22.06 22.75 25.72
C MET C 270 23.30 23.28 26.44
N LYS C 271 23.81 22.52 27.40
CA LYS C 271 25.00 22.95 28.13
C LYS C 271 26.21 23.13 27.23
N LYS C 272 26.17 22.61 26.00
CA LYS C 272 27.30 22.70 25.09
C LYS C 272 27.12 23.76 24.00
N TYR C 273 25.90 23.93 23.49
CA TYR C 273 25.69 24.79 22.33
C TYR C 273 24.73 25.95 22.57
N GLY C 274 24.15 26.09 23.75
CA GLY C 274 23.19 27.14 23.99
C GLY C 274 23.79 28.45 24.46
N SER C 275 24.95 28.81 23.92
CA SER C 275 25.63 30.03 24.34
CA SER C 275 25.63 30.03 24.34
C SER C 275 24.85 31.27 23.90
N LEU C 276 24.89 32.30 24.73
CA LEU C 276 24.17 33.55 24.46
C LEU C 276 25.11 34.74 24.27
#